data_9FSL
#
_entry.id   9FSL
#
_cell.length_a   64.166
_cell.length_b   77.226
_cell.length_c   153.969
_cell.angle_alpha   90
_cell.angle_beta   90
_cell.angle_gamma   90
#
_symmetry.space_group_name_H-M   'P 21 21 21'
#
loop_
_entity.id
_entity.type
_entity.pdbx_description
1 polymer 'L-cysteine desulfidase'
2 non-polymer 'FE2/S2 (INORGANIC) CLUSTER'
3 non-polymer '2-(N-MORPHOLINO)-ETHANESULFONIC ACID'
4 non-polymer 'CHLORIDE ION'
5 water water
#
_entity_poly.entity_id   1
_entity_poly.type   'polypeptide(L)'
_entity_poly.pdbx_seq_one_letter_code
;GPMDDYKRILITKILKNEVTEALGCTEVGLIGYAVSLCNISDPFSIEKIELTLNNGSFKNAYAVGVPNTKKYGILPAVVG
GLLGDHKNKLLVFNGIKYSQKLEDFIKERLKIRVINSPLYCGVKIKDNSGNTFESLIKDNHLNVVIPKINNKLISEINGS
EKEEYKNLELLDFLEYIDEIPEEIIQLVEKTIYTNNNLIKGDFLNFGNDCLSNMVNKTTSACNTRMIGENMPAMSVAKSG
NMGIMATLPIIAYDYSNEQNQEKLIKSILLSVLVTIYATYKSSYLSSMCGCVSKGGMGAVIGLCYYKNGKNIKKLDSAAR
TFTANLPGIICDGGKVGCALKLASGCFAAYSSLFVDISYENGIVGKNFKECVENISEISKIMGDLDSDIVKIMSKKEIGS
;
_entity_poly.pdbx_strand_id   A,B
#
loop_
_chem_comp.id
_chem_comp.type
_chem_comp.name
_chem_comp.formula
CL non-polymer 'CHLORIDE ION' 'Cl -1'
FES non-polymer 'FE2/S2 (INORGANIC) CLUSTER' 'Fe2 S2'
MES non-polymer '2-(N-MORPHOLINO)-ETHANESULFONIC ACID' 'C6 H13 N O4 S'
#
# COMPACT_ATOMS: atom_id res chain seq x y z
N MET A 3 15.11 29.68 -16.37
CA MET A 3 16.16 29.13 -17.24
C MET A 3 17.56 29.43 -16.70
N ASP A 4 17.71 29.57 -15.38
CA ASP A 4 18.99 29.90 -14.75
C ASP A 4 20.06 28.87 -15.09
N ASP A 5 21.25 29.33 -15.49
CA ASP A 5 22.33 28.42 -15.85
C ASP A 5 23.03 27.79 -14.65
N TYR A 6 22.91 28.42 -13.45
CA TYR A 6 23.49 27.85 -12.23
C TYR A 6 22.72 26.56 -11.88
N LYS A 7 21.38 26.61 -12.00
CA LYS A 7 20.49 25.50 -11.74
C LYS A 7 20.77 24.37 -12.73
N ARG A 8 20.96 24.70 -14.02
CA ARG A 8 21.25 23.70 -15.04
C ARG A 8 22.50 22.87 -14.77
N ILE A 9 23.57 23.51 -14.26
CA ILE A 9 24.80 22.80 -13.94
C ILE A 9 24.62 21.93 -12.68
N LEU A 10 23.87 22.44 -11.69
CA LEU A 10 23.58 21.72 -10.45
C LEU A 10 22.75 20.46 -10.73
N ILE A 11 21.68 20.57 -11.52
CA ILE A 11 20.85 19.43 -11.87
C ILE A 11 21.63 18.40 -12.71
N THR A 12 22.51 18.87 -13.59
CA THR A 12 23.32 17.99 -14.45
C THR A 12 24.31 17.19 -13.65
N LYS A 13 24.95 17.83 -12.66
CA LYS A 13 25.93 17.15 -11.84
C LYS A 13 25.27 16.10 -10.99
N ILE A 14 24.09 16.41 -10.43
CA ILE A 14 23.33 15.49 -9.60
C ILE A 14 22.82 14.33 -10.44
N LEU A 15 22.33 14.59 -11.66
CA LEU A 15 21.89 13.53 -12.56
C LEU A 15 23.03 12.58 -12.90
N LYS A 16 24.22 13.09 -13.27
CA LYS A 16 25.37 12.25 -13.60
C LYS A 16 25.86 11.43 -12.39
N ASN A 17 25.64 11.93 -11.18
CA ASN A 17 26.04 11.29 -9.93
C ASN A 17 25.02 10.26 -9.43
N GLU A 18 23.72 10.44 -9.74
CA GLU A 18 22.69 9.56 -9.21
C GLU A 18 22.13 8.53 -10.20
N VAL A 19 22.45 8.66 -11.50
CA VAL A 19 21.99 7.68 -12.49
C VAL A 19 23.21 6.85 -12.92
N THR A 20 23.35 5.63 -12.38
CA THR A 20 24.51 4.78 -12.67
C THR A 20 24.12 3.33 -12.99
N GLU A 21 24.97 2.59 -13.70
CA GLU A 21 24.69 1.18 -13.98
C GLU A 21 25.11 0.30 -12.82
N ALA A 22 24.37 -0.78 -12.59
CA ALA A 22 24.69 -1.73 -11.54
C ALA A 22 24.33 -3.11 -12.07
N LEU A 23 25.25 -4.05 -12.04
CA LEU A 23 24.98 -5.40 -12.50
C LEU A 23 24.65 -6.26 -11.28
N GLY A 24 23.38 -6.62 -11.13
CA GLY A 24 22.89 -7.39 -10.00
C GLY A 24 22.26 -6.49 -8.93
N CYS A 25 21.56 -7.07 -7.96
CA CYS A 25 20.95 -6.28 -6.90
C CYS A 25 21.99 -5.68 -5.97
N THR A 26 21.63 -4.61 -5.29
CA THR A 26 22.51 -3.86 -4.40
C THR A 26 23.21 -4.74 -3.39
N GLU A 27 22.50 -5.65 -2.75
CA GLU A 27 23.09 -6.54 -1.77
C GLU A 27 24.31 -7.30 -2.27
N VAL A 28 24.20 -8.02 -3.40
CA VAL A 28 25.31 -8.79 -3.91
C VAL A 28 26.36 -7.90 -4.57
N GLY A 29 25.93 -6.88 -5.29
CA GLY A 29 26.82 -5.96 -5.99
C GLY A 29 27.70 -5.16 -5.08
N LEU A 30 27.15 -4.81 -3.92
CA LEU A 30 27.85 -4.03 -2.91
C LEU A 30 28.88 -4.87 -2.21
N ILE A 31 28.58 -6.15 -1.94
CA ILE A 31 29.52 -7.09 -1.36
C ILE A 31 30.67 -7.33 -2.35
N GLY A 32 30.33 -7.55 -3.62
CA GLY A 32 31.31 -7.78 -4.67
C GLY A 32 32.24 -6.60 -4.84
N TYR A 33 31.69 -5.38 -4.79
CA TYR A 33 32.49 -4.18 -4.92
C TYR A 33 33.41 -4.01 -3.69
N ALA A 34 32.87 -4.16 -2.47
CA ALA A 34 33.68 -4.05 -1.24
C ALA A 34 34.81 -5.10 -1.16
N VAL A 35 34.55 -6.33 -1.63
CA VAL A 35 35.56 -7.38 -1.64
C VAL A 35 36.63 -7.04 -2.68
N SER A 36 36.22 -6.53 -3.86
CA SER A 36 37.16 -6.15 -4.91
C SER A 36 38.05 -4.98 -4.52
N LEU A 37 37.59 -4.11 -3.63
CA LEU A 37 38.34 -2.94 -3.15
C LEU A 37 39.58 -3.28 -2.33
N CYS A 38 39.62 -4.50 -1.76
CA CYS A 38 40.79 -4.98 -1.02
C CYS A 38 41.99 -5.22 -1.96
N ASN A 39 41.74 -5.43 -3.28
CA ASN A 39 42.70 -5.69 -4.35
C ASN A 39 43.69 -6.81 -3.98
N ILE A 40 43.17 -8.02 -3.79
CA ILE A 40 43.95 -9.20 -3.45
C ILE A 40 44.50 -9.74 -4.77
N SER A 41 45.83 -9.95 -4.84
CA SER A 41 46.47 -10.45 -6.06
C SER A 41 46.17 -11.95 -6.23
N ASP A 42 46.37 -12.74 -5.17
CA ASP A 42 46.08 -14.17 -5.22
C ASP A 42 45.00 -14.49 -4.20
N PRO A 43 43.77 -14.80 -4.67
CA PRO A 43 42.70 -15.14 -3.73
C PRO A 43 42.95 -16.44 -2.96
N PHE A 44 43.77 -17.35 -3.52
CA PHE A 44 44.10 -18.61 -2.86
C PHE A 44 45.16 -18.49 -1.74
N SER A 45 45.72 -17.29 -1.54
CA SER A 45 46.68 -17.02 -0.47
C SER A 45 46.00 -16.43 0.79
N ILE A 46 44.68 -16.54 0.91
CA ILE A 46 43.95 -15.96 2.03
C ILE A 46 43.72 -16.95 3.17
N GLU A 47 43.99 -16.52 4.40
CA GLU A 47 43.80 -17.35 5.57
C GLU A 47 42.39 -17.13 6.15
N LYS A 48 41.95 -15.86 6.22
CA LYS A 48 40.64 -15.52 6.78
C LYS A 48 39.97 -14.33 6.06
N ILE A 49 38.64 -14.36 5.94
CA ILE A 49 37.84 -13.26 5.37
C ILE A 49 36.64 -13.04 6.27
N GLU A 50 36.49 -11.83 6.81
CA GLU A 50 35.34 -11.49 7.64
C GLU A 50 34.56 -10.37 6.96
N LEU A 51 33.29 -10.60 6.70
CA LEU A 51 32.44 -9.60 6.05
C LEU A 51 31.44 -9.09 7.07
N THR A 52 31.37 -7.78 7.27
CA THR A 52 30.43 -7.18 8.22
C THR A 52 29.33 -6.48 7.43
N LEU A 53 28.09 -6.93 7.63
CA LEU A 53 26.93 -6.39 6.93
C LEU A 53 25.88 -5.94 7.90
N ASN A 54 25.14 -4.88 7.57
CA ASN A 54 24.00 -4.48 8.41
C ASN A 54 22.81 -5.38 8.03
N ASN A 55 21.91 -5.65 8.99
CA ASN A 55 20.77 -6.53 8.76
C ASN A 55 19.71 -5.94 7.84
N GLY A 56 19.39 -4.65 8.00
CA GLY A 56 18.39 -3.90 7.23
C GLY A 56 18.53 -4.13 5.75
N SER A 57 19.74 -3.91 5.27
CA SER A 57 20.15 -4.24 3.92
C SER A 57 20.80 -5.66 4.10
N PHE A 58 21.14 -6.38 3.03
CA PHE A 58 21.83 -7.68 3.17
C PHE A 58 20.97 -8.82 3.74
N LYS A 59 19.83 -8.55 4.42
CA LYS A 59 18.86 -9.62 4.70
C LYS A 59 18.16 -9.73 3.31
N ASN A 60 17.80 -10.92 2.87
CA ASN A 60 17.30 -11.11 1.51
C ASN A 60 18.45 -11.31 0.51
N ALA A 61 19.74 -11.23 0.94
CA ALA A 61 20.85 -11.50 0.04
C ALA A 61 20.86 -12.98 -0.38
N TYR A 62 20.35 -13.90 0.50
CA TYR A 62 20.20 -15.35 0.29
C TYR A 62 19.33 -15.65 -0.96
N ALA A 63 18.38 -14.74 -1.28
CA ALA A 63 17.47 -14.92 -2.40
C ALA A 63 17.92 -14.20 -3.66
N VAL A 64 19.12 -13.63 -3.68
CA VAL A 64 19.56 -12.84 -4.83
C VAL A 64 20.61 -13.58 -5.65
N GLY A 65 20.35 -13.72 -6.95
CA GLY A 65 21.27 -14.37 -7.86
C GLY A 65 22.47 -13.48 -8.13
N VAL A 66 23.68 -14.07 -8.14
CA VAL A 66 24.88 -13.29 -8.43
C VAL A 66 25.18 -13.47 -9.90
N PRO A 67 25.16 -12.36 -10.68
CA PRO A 67 25.37 -12.50 -12.15
C PRO A 67 26.71 -13.12 -12.50
N ASN A 68 26.71 -14.00 -13.55
CA ASN A 68 27.88 -14.74 -14.06
C ASN A 68 28.39 -15.85 -13.13
N THR A 69 27.52 -16.33 -12.21
CA THR A 69 27.92 -17.38 -11.27
C THR A 69 26.97 -18.57 -11.27
N LYS A 70 25.70 -18.35 -11.61
CA LYS A 70 24.65 -19.38 -11.52
C LYS A 70 24.36 -19.81 -10.05
N LYS A 71 24.77 -18.97 -9.06
CA LYS A 71 24.55 -19.19 -7.64
C LYS A 71 23.83 -17.99 -6.97
N TYR A 72 23.34 -18.17 -5.74
CA TYR A 72 22.61 -17.12 -5.02
C TYR A 72 23.24 -16.83 -3.66
N GLY A 73 23.07 -15.61 -3.18
CA GLY A 73 23.55 -15.25 -1.85
C GLY A 73 24.91 -14.58 -1.70
N ILE A 74 25.36 -14.49 -0.44
CA ILE A 74 26.61 -13.86 -0.01
C ILE A 74 27.87 -14.59 -0.46
N LEU A 75 27.95 -15.93 -0.31
CA LEU A 75 29.14 -16.68 -0.69
C LEU A 75 29.57 -16.43 -2.14
N PRO A 76 28.69 -16.62 -3.16
CA PRO A 76 29.12 -16.31 -4.54
C PRO A 76 29.43 -14.84 -4.82
N ALA A 77 28.83 -13.90 -4.07
CA ALA A 77 29.09 -12.48 -4.26
C ALA A 77 30.52 -12.12 -3.81
N VAL A 78 31.00 -12.76 -2.73
CA VAL A 78 32.36 -12.58 -2.20
C VAL A 78 33.35 -13.15 -3.22
N VAL A 79 33.06 -14.37 -3.74
CA VAL A 79 33.91 -15.01 -4.74
C VAL A 79 33.99 -14.14 -5.99
N GLY A 80 32.83 -13.64 -6.42
CA GLY A 80 32.73 -12.74 -7.58
C GLY A 80 33.52 -11.45 -7.40
N GLY A 81 33.62 -10.97 -6.17
CA GLY A 81 34.38 -9.79 -5.83
C GLY A 81 35.87 -10.05 -5.91
N LEU A 82 36.29 -11.25 -5.47
CA LEU A 82 37.69 -11.69 -5.55
C LEU A 82 38.14 -11.86 -7.02
N LEU A 83 37.19 -12.14 -7.92
CA LEU A 83 37.43 -12.32 -9.34
C LEU A 83 37.28 -11.04 -10.17
N GLY A 84 36.45 -10.12 -9.71
CA GLY A 84 36.19 -8.87 -10.44
C GLY A 84 37.21 -7.77 -10.22
N ASP A 85 37.00 -6.62 -10.91
CA ASP A 85 37.89 -5.46 -10.80
C ASP A 85 37.18 -4.31 -10.08
N HIS A 86 37.86 -3.64 -9.15
CA HIS A 86 37.28 -2.52 -8.40
C HIS A 86 37.04 -1.28 -9.27
N LYS A 87 37.74 -1.16 -10.41
CA LYS A 87 37.54 -0.05 -11.32
C LYS A 87 36.15 -0.09 -11.99
N ASN A 88 35.52 -1.30 -12.04
CA ASN A 88 34.18 -1.51 -12.58
C ASN A 88 33.07 -1.06 -11.62
N LYS A 89 33.41 -0.75 -10.35
CA LYS A 89 32.49 -0.30 -9.33
C LYS A 89 31.28 -1.27 -9.20
N LEU A 90 30.02 -0.84 -9.37
CA LEU A 90 28.88 -1.76 -9.24
C LEU A 90 28.66 -2.66 -10.48
N LEU A 91 29.56 -2.62 -11.47
CA LEU A 91 29.59 -3.56 -12.60
C LEU A 91 30.79 -4.55 -12.40
N VAL A 92 31.14 -4.84 -11.13
CA VAL A 92 32.27 -5.69 -10.75
C VAL A 92 32.12 -7.12 -11.26
N PHE A 93 30.89 -7.64 -11.28
CA PHE A 93 30.66 -9.00 -11.75
C PHE A 93 30.77 -9.17 -13.27
N ASN A 94 30.97 -8.07 -14.03
CA ASN A 94 31.09 -8.11 -15.47
C ASN A 94 32.36 -8.80 -15.93
N GLY A 95 32.18 -9.83 -16.77
CA GLY A 95 33.25 -10.60 -17.36
C GLY A 95 33.89 -11.65 -16.47
N ILE A 96 33.47 -11.77 -15.20
CA ILE A 96 34.08 -12.75 -14.29
C ILE A 96 33.87 -14.21 -14.73
N LYS A 97 34.88 -15.05 -14.49
CA LYS A 97 34.79 -16.46 -14.83
C LYS A 97 34.70 -17.19 -13.51
N TYR A 98 33.47 -17.53 -13.08
CA TYR A 98 33.24 -18.19 -11.81
C TYR A 98 34.07 -19.43 -11.57
N SER A 99 34.68 -19.51 -10.38
CA SER A 99 35.51 -20.64 -9.99
C SER A 99 34.88 -21.42 -8.84
N GLN A 100 34.44 -22.65 -9.14
CA GLN A 100 33.88 -23.55 -8.14
C GLN A 100 34.96 -23.97 -7.10
N LYS A 101 36.24 -24.00 -7.52
CA LYS A 101 37.37 -24.30 -6.66
C LYS A 101 37.55 -23.19 -5.62
N LEU A 102 37.48 -21.93 -6.05
CA LEU A 102 37.59 -20.78 -5.15
C LEU A 102 36.38 -20.68 -4.21
N GLU A 103 35.19 -21.08 -4.68
CA GLU A 103 34.00 -21.07 -3.85
C GLU A 103 34.15 -21.98 -2.62
N ASP A 104 34.56 -23.24 -2.84
CA ASP A 104 34.75 -24.23 -1.78
C ASP A 104 35.91 -23.83 -0.84
N PHE A 105 36.96 -23.20 -1.40
CA PHE A 105 38.12 -22.72 -0.66
C PHE A 105 37.70 -21.61 0.33
N ILE A 106 36.87 -20.68 -0.16
CA ILE A 106 36.43 -19.52 0.58
C ILE A 106 35.35 -19.86 1.62
N LYS A 107 34.44 -20.79 1.30
CA LYS A 107 33.36 -21.20 2.21
C LYS A 107 33.90 -21.65 3.58
N GLU A 108 34.97 -22.44 3.57
CA GLU A 108 35.59 -22.91 4.81
C GLU A 108 36.58 -21.88 5.41
N ARG A 109 36.46 -20.60 5.02
CA ARG A 109 37.30 -19.48 5.45
C ARG A 109 36.53 -18.15 5.65
N LEU A 110 35.24 -18.13 5.34
CA LEU A 110 34.42 -16.93 5.40
C LEU A 110 33.57 -16.82 6.65
N LYS A 111 33.69 -15.69 7.35
CA LYS A 111 32.89 -15.42 8.53
C LYS A 111 32.02 -14.18 8.25
N ILE A 112 30.74 -14.25 8.62
CA ILE A 112 29.82 -13.14 8.39
C ILE A 112 29.34 -12.56 9.71
N ARG A 113 29.56 -11.27 9.92
CA ARG A 113 29.11 -10.60 11.13
C ARG A 113 27.95 -9.68 10.77
N VAL A 114 26.81 -9.83 11.43
CA VAL A 114 25.63 -9.01 11.14
C VAL A 114 25.36 -8.01 12.24
N ILE A 115 25.24 -6.72 11.89
CA ILE A 115 24.99 -5.65 12.85
C ILE A 115 23.65 -4.96 12.57
N ASN A 116 23.07 -4.31 13.58
CA ASN A 116 21.79 -3.63 13.42
C ASN A 116 22.05 -2.14 13.21
N SER A 117 22.24 -1.69 11.97
CA SER A 117 22.60 -0.29 11.70
C SER A 117 22.19 0.16 10.27
N PRO A 118 22.29 1.48 9.90
CA PRO A 118 22.08 1.87 8.49
C PRO A 118 23.07 1.15 7.56
N LEU A 119 22.99 1.34 6.22
CA LEU A 119 23.88 0.63 5.26
C LEU A 119 25.37 0.57 5.70
N TYR A 120 25.93 -0.65 5.68
CA TYR A 120 27.28 -0.93 6.12
C TYR A 120 27.79 -2.20 5.44
N CYS A 121 28.96 -2.12 4.84
CA CYS A 121 29.58 -3.27 4.20
C CYS A 121 31.10 -3.19 4.34
N GLY A 122 31.62 -3.87 5.35
CA GLY A 122 33.06 -3.88 5.62
C GLY A 122 33.68 -5.24 5.36
N VAL A 123 34.90 -5.26 4.86
CA VAL A 123 35.60 -6.50 4.56
C VAL A 123 36.97 -6.43 5.21
N LYS A 124 37.32 -7.47 5.96
CA LYS A 124 38.64 -7.60 6.58
C LYS A 124 39.22 -8.92 6.10
N ILE A 125 40.46 -8.90 5.61
CA ILE A 125 41.09 -10.12 5.08
C ILE A 125 42.49 -10.30 5.65
N LYS A 126 42.76 -11.52 6.19
CA LYS A 126 44.03 -11.95 6.75
C LYS A 126 44.74 -12.81 5.71
N ASP A 127 46.00 -12.50 5.40
CA ASP A 127 46.80 -13.19 4.39
C ASP A 127 47.61 -14.38 4.98
N ASN A 128 47.99 -15.36 4.14
CA ASN A 128 48.82 -16.49 4.62
C ASN A 128 50.24 -16.06 5.05
N SER A 129 50.56 -14.76 4.93
CA SER A 129 51.85 -14.14 5.29
C SER A 129 51.71 -13.10 6.43
N GLY A 130 50.54 -12.98 7.04
CA GLY A 130 50.32 -12.04 8.14
C GLY A 130 49.77 -10.70 7.72
N ASN A 131 49.84 -10.37 6.42
CA ASN A 131 49.37 -9.11 5.85
C ASN A 131 47.86 -8.95 6.04
N THR A 132 47.40 -7.73 6.32
CA THR A 132 45.96 -7.50 6.49
C THR A 132 45.45 -6.50 5.47
N PHE A 133 44.19 -6.67 5.05
CA PHE A 133 43.57 -5.80 4.05
C PHE A 133 42.17 -5.42 4.50
N GLU A 134 41.83 -4.13 4.50
CA GLU A 134 40.50 -3.68 4.90
C GLU A 134 39.77 -2.83 3.83
N SER A 135 38.46 -2.96 3.83
CA SER A 135 37.56 -2.31 2.91
C SER A 135 36.31 -1.86 3.67
N LEU A 136 35.69 -0.74 3.25
CA LEU A 136 34.47 -0.25 3.89
C LEU A 136 33.61 0.67 3.02
N ILE A 137 32.37 0.25 2.75
CA ILE A 137 31.38 1.08 2.06
C ILE A 137 30.25 1.32 3.07
N LYS A 138 29.82 2.56 3.20
CA LYS A 138 28.88 2.95 4.23
C LYS A 138 27.79 3.86 3.68
N ASP A 139 26.66 3.89 4.39
CA ASP A 139 25.52 4.79 4.17
C ASP A 139 24.79 4.55 2.87
N ASN A 140 23.52 4.94 2.82
CA ASN A 140 22.70 4.71 1.63
C ASN A 140 23.21 5.46 0.37
N HIS A 141 24.20 6.36 0.53
CA HIS A 141 24.82 7.01 -0.62
C HIS A 141 26.05 6.23 -1.16
N LEU A 142 26.36 5.05 -0.58
CA LEU A 142 27.41 4.12 -0.96
C LEU A 142 28.80 4.76 -1.18
N ASN A 143 29.30 5.45 -0.15
CA ASN A 143 30.62 6.05 -0.26
C ASN A 143 31.71 5.11 0.26
N VAL A 144 32.79 5.01 -0.50
CA VAL A 144 33.91 4.18 -0.12
C VAL A 144 34.69 4.94 0.91
N VAL A 145 34.67 4.44 2.14
CA VAL A 145 35.36 5.03 3.26
C VAL A 145 36.79 4.48 3.31
N ILE A 146 36.96 3.17 3.12
CA ILE A 146 38.24 2.48 3.09
C ILE A 146 38.27 1.63 1.83
N PRO A 147 39.25 1.81 0.93
CA PRO A 147 40.36 2.78 1.00
C PRO A 147 39.97 4.18 0.54
N LYS A 148 40.82 5.17 0.80
CA LYS A 148 40.57 6.56 0.39
C LYS A 148 40.75 6.64 -1.12
N ILE A 149 39.68 6.95 -1.87
CA ILE A 149 39.77 7.00 -3.33
C ILE A 149 39.53 8.41 -3.88
N ASN A 150 40.15 8.72 -5.04
CA ASN A 150 40.00 10.01 -5.70
C ASN A 150 38.60 10.10 -6.33
N ASN A 151 37.97 11.28 -6.25
CA ASN A 151 36.62 11.48 -6.81
C ASN A 151 36.59 11.40 -8.33
N SER A 155 30.84 14.62 -10.28
CA SER A 155 31.72 13.58 -9.75
C SER A 155 32.11 13.79 -8.27
N GLU A 156 31.70 14.92 -7.67
CA GLU A 156 32.04 15.27 -6.29
C GLU A 156 30.95 16.14 -5.64
N ILE A 157 29.72 15.61 -5.51
CA ILE A 157 28.61 16.39 -4.98
C ILE A 157 28.76 16.69 -3.48
N ASN A 158 28.73 17.97 -3.13
CA ASN A 158 28.85 18.43 -1.75
C ASN A 158 27.50 18.28 -1.04
N GLY A 159 27.53 18.46 0.28
CA GLY A 159 26.31 18.46 1.08
C GLY A 159 25.47 19.70 0.78
N SER A 160 26.14 20.84 0.49
CA SER A 160 25.46 22.09 0.15
C SER A 160 24.84 22.03 -1.25
N GLU A 161 25.42 21.23 -2.16
CA GLU A 161 24.88 21.05 -3.51
C GLU A 161 23.54 20.29 -3.44
N LYS A 162 23.48 19.19 -2.67
CA LYS A 162 22.22 18.46 -2.52
C LYS A 162 21.19 19.22 -1.67
N GLU A 163 21.66 20.16 -0.81
CA GLU A 163 20.81 21.05 -0.02
C GLU A 163 20.12 22.07 -0.94
N GLU A 164 20.83 22.53 -1.98
CA GLU A 164 20.33 23.47 -2.99
C GLU A 164 19.31 22.78 -3.88
N TYR A 165 19.55 21.52 -4.23
CA TYR A 165 18.66 20.73 -5.05
C TYR A 165 17.37 20.37 -4.29
N LYS A 166 17.47 20.11 -2.97
CA LYS A 166 16.27 19.80 -2.21
C LYS A 166 15.42 21.04 -1.87
N ASN A 167 15.90 22.26 -2.22
CA ASN A 167 15.13 23.49 -2.10
C ASN A 167 14.54 23.93 -3.48
N LEU A 168 14.78 23.17 -4.57
CA LEU A 168 14.22 23.50 -5.88
C LEU A 168 12.70 23.25 -5.92
N GLU A 169 12.01 23.87 -6.86
CA GLU A 169 10.57 23.70 -7.06
C GLU A 169 10.32 22.68 -8.19
N LEU A 170 9.07 22.20 -8.31
CA LEU A 170 8.70 21.31 -9.41
C LEU A 170 8.88 22.03 -10.77
N LEU A 171 8.56 23.33 -10.81
CA LEU A 171 8.71 24.15 -12.01
C LEU A 171 10.16 24.16 -12.52
N ASP A 172 11.13 24.06 -11.62
CA ASP A 172 12.53 24.02 -12.00
C ASP A 172 12.81 22.76 -12.83
N PHE A 173 12.24 21.61 -12.45
CA PHE A 173 12.42 20.37 -13.19
C PHE A 173 11.66 20.42 -14.53
N LEU A 174 10.49 21.09 -14.55
CA LEU A 174 9.69 21.28 -15.76
C LEU A 174 10.42 22.17 -16.77
N GLU A 175 11.22 23.14 -16.30
CA GLU A 175 11.99 24.00 -17.16
C GLU A 175 13.18 23.23 -17.73
N TYR A 176 13.88 22.46 -16.86
CA TYR A 176 15.04 21.64 -17.21
C TYR A 176 14.77 20.64 -18.33
N ILE A 177 13.61 19.95 -18.29
CA ILE A 177 13.25 18.99 -19.32
C ILE A 177 12.92 19.63 -20.68
N ASP A 178 12.77 20.97 -20.73
CA ASP A 178 12.49 21.67 -21.99
C ASP A 178 13.79 22.09 -22.72
N GLU A 179 14.94 22.12 -22.01
CA GLU A 179 16.24 22.40 -22.60
C GLU A 179 17.25 21.49 -21.96
N ILE A 180 17.20 20.21 -22.33
CA ILE A 180 18.07 19.17 -21.77
C ILE A 180 19.43 19.19 -22.45
N PRO A 181 20.52 19.18 -21.67
CA PRO A 181 21.86 19.08 -22.29
C PRO A 181 22.04 17.80 -23.11
N GLU A 182 22.94 17.81 -24.10
CA GLU A 182 23.19 16.64 -24.95
C GLU A 182 23.64 15.43 -24.15
N GLU A 183 24.54 15.64 -23.18
CA GLU A 183 25.08 14.60 -22.31
C GLU A 183 23.97 13.92 -21.48
N ILE A 184 22.95 14.69 -21.09
CA ILE A 184 21.84 14.16 -20.30
C ILE A 184 20.83 13.42 -21.20
N ILE A 185 20.68 13.82 -22.48
CA ILE A 185 19.81 13.12 -23.43
C ILE A 185 20.36 11.69 -23.64
N GLN A 186 21.70 11.57 -23.79
CA GLN A 186 22.37 10.27 -23.97
C GLN A 186 22.16 9.39 -22.75
N LEU A 187 22.25 9.99 -21.55
CA LEU A 187 22.06 9.31 -20.26
C LEU A 187 20.62 8.80 -20.13
N VAL A 188 19.62 9.62 -20.49
CA VAL A 188 18.20 9.24 -20.44
C VAL A 188 17.90 8.12 -21.44
N GLU A 189 18.48 8.21 -22.66
CA GLU A 189 18.29 7.19 -23.69
C GLU A 189 18.93 5.86 -23.28
N LYS A 190 20.09 5.93 -22.62
CA LYS A 190 20.77 4.74 -22.11
C LYS A 190 19.96 4.10 -20.99
N THR A 191 19.32 4.93 -20.14
CA THR A 191 18.46 4.49 -19.04
C THR A 191 17.25 3.74 -19.59
N ILE A 192 16.62 4.29 -20.64
CA ILE A 192 15.45 3.70 -21.31
C ILE A 192 15.81 2.37 -21.96
N TYR A 193 16.97 2.33 -22.62
CA TYR A 193 17.39 1.12 -23.30
C TYR A 193 17.71 0.02 -22.29
N THR A 194 18.51 0.36 -21.28
CA THR A 194 18.96 -0.56 -20.26
C THR A 194 17.82 -1.18 -19.49
N ASN A 195 16.91 -0.34 -18.97
CA ASN A 195 15.79 -0.83 -18.19
C ASN A 195 14.72 -1.52 -19.04
N ASN A 196 14.65 -1.22 -20.34
CA ASN A 196 13.74 -1.92 -21.24
C ASN A 196 14.29 -3.32 -21.56
N ASN A 197 15.62 -3.47 -21.62
CA ASN A 197 16.30 -4.74 -21.85
C ASN A 197 16.08 -5.76 -20.73
N LEU A 198 15.73 -5.29 -19.52
CA LEU A 198 15.46 -6.15 -18.38
C LEU A 198 14.11 -6.89 -18.53
N ILE A 199 13.20 -6.38 -19.38
CA ILE A 199 11.91 -7.03 -19.63
C ILE A 199 12.15 -8.34 -20.38
N LYS A 200 11.83 -9.46 -19.73
CA LYS A 200 12.03 -10.77 -20.35
C LYS A 200 10.72 -11.60 -20.25
N GLY A 201 10.68 -12.63 -19.40
CA GLY A 201 9.50 -13.46 -19.27
C GLY A 201 8.37 -12.79 -18.50
N ASP A 202 7.12 -13.15 -18.82
CA ASP A 202 5.92 -12.63 -18.17
C ASP A 202 5.93 -12.95 -16.69
N PHE A 203 5.62 -11.96 -15.84
CA PHE A 203 5.57 -12.20 -14.39
C PHE A 203 4.16 -12.08 -13.86
N LEU A 204 3.43 -11.03 -14.27
CA LEU A 204 2.08 -10.80 -13.79
C LEU A 204 1.27 -10.14 -14.90
N ASN A 205 0.72 -10.96 -15.80
CA ASN A 205 -0.02 -10.46 -16.95
C ASN A 205 -1.54 -10.68 -16.82
N PHE A 206 -2.29 -9.65 -16.40
CA PHE A 206 -3.74 -9.77 -16.26
C PHE A 206 -4.45 -9.63 -17.60
N GLY A 207 -4.05 -8.64 -18.39
CA GLY A 207 -4.67 -8.37 -19.67
C GLY A 207 -3.80 -7.60 -20.63
N ASN A 208 -4.43 -7.02 -21.64
CA ASN A 208 -3.79 -6.30 -22.74
C ASN A 208 -3.75 -4.77 -22.59
N ASP A 209 -4.59 -4.22 -21.70
CA ASP A 209 -4.69 -2.79 -21.47
C ASP A 209 -3.42 -2.17 -20.84
N CYS A 210 -3.40 -0.83 -20.74
CA CYS A 210 -2.29 -0.02 -20.29
C CYS A 210 -1.76 -0.42 -18.93
N LEU A 211 -2.64 -0.52 -17.92
CA LEU A 211 -2.27 -0.87 -16.55
C LEU A 211 -1.58 -2.23 -16.46
N SER A 212 -2.13 -3.25 -17.12
CA SER A 212 -1.53 -4.58 -17.07
C SER A 212 -0.21 -4.67 -17.79
N ASN A 213 0.00 -3.86 -18.83
CA ASN A 213 1.29 -3.85 -19.52
C ASN A 213 2.34 -3.23 -18.59
N MET A 214 1.97 -2.16 -17.85
CA MET A 214 2.82 -1.51 -16.87
C MET A 214 3.23 -2.49 -15.77
N VAL A 215 2.26 -3.22 -15.18
CA VAL A 215 2.47 -4.19 -14.12
C VAL A 215 3.35 -5.34 -14.60
N ASN A 216 3.02 -5.91 -15.75
CA ASN A 216 3.75 -7.02 -16.34
C ASN A 216 5.20 -6.68 -16.70
N LYS A 217 5.43 -5.51 -17.29
CA LYS A 217 6.78 -5.11 -17.67
C LYS A 217 7.64 -4.70 -16.46
N THR A 218 7.04 -4.03 -15.48
CA THR A 218 7.78 -3.63 -14.28
C THR A 218 8.18 -4.85 -13.45
N THR A 219 7.23 -5.75 -13.19
CA THR A 219 7.51 -6.96 -12.44
C THR A 219 8.46 -7.90 -13.20
N SER A 220 8.45 -7.87 -14.55
CA SER A 220 9.34 -8.70 -15.34
C SER A 220 10.77 -8.21 -15.22
N ALA A 221 11.01 -6.89 -15.36
CA ALA A 221 12.33 -6.28 -15.21
C ALA A 221 12.90 -6.53 -13.81
N CYS A 222 12.05 -6.45 -12.82
CA CYS A 222 12.39 -6.62 -11.42
C CYS A 222 12.78 -8.08 -11.10
N ASN A 223 12.11 -9.05 -11.74
CA ASN A 223 12.41 -10.46 -11.58
C ASN A 223 13.71 -10.81 -12.28
N THR A 224 13.99 -10.21 -13.44
CA THR A 224 15.21 -10.46 -14.17
C THR A 224 16.43 -10.07 -13.35
N ARG A 225 16.37 -8.92 -12.64
CA ARG A 225 17.47 -8.51 -11.76
C ARG A 225 17.66 -9.52 -10.62
N MET A 226 16.54 -9.87 -9.98
CA MET A 226 16.45 -10.75 -8.82
C MET A 226 17.03 -12.14 -9.04
N ILE A 227 16.78 -12.74 -10.21
CA ILE A 227 17.29 -14.08 -10.51
C ILE A 227 18.79 -14.14 -10.87
N GLY A 228 19.43 -12.99 -11.05
CA GLY A 228 20.86 -12.97 -11.34
C GLY A 228 21.19 -13.01 -12.81
N GLU A 229 20.31 -12.46 -13.66
CA GLU A 229 20.58 -12.38 -15.08
C GLU A 229 21.75 -11.44 -15.36
N ASN A 230 22.46 -11.67 -16.47
CA ASN A 230 23.62 -10.86 -16.80
C ASN A 230 23.29 -9.54 -17.52
N MET A 231 22.27 -8.84 -17.03
CA MET A 231 21.85 -7.58 -17.61
C MET A 231 22.06 -6.48 -16.60
N PRO A 232 22.81 -5.41 -16.91
CA PRO A 232 22.86 -4.29 -15.96
C PRO A 232 21.52 -3.58 -15.86
N ALA A 233 21.35 -2.81 -14.81
CA ALA A 233 20.16 -2.00 -14.62
C ALA A 233 20.63 -0.57 -14.39
N MET A 234 19.76 0.37 -14.72
CA MET A 234 20.06 1.77 -14.48
C MET A 234 19.44 2.13 -13.14
N SER A 235 20.27 2.34 -12.13
CA SER A 235 19.77 2.70 -10.81
C SER A 235 19.63 4.22 -10.68
N VAL A 236 18.67 4.65 -9.85
CA VAL A 236 18.44 6.05 -9.54
C VAL A 236 18.63 6.19 -8.04
N ALA A 237 19.50 7.12 -7.62
CA ALA A 237 19.88 7.38 -6.22
C ALA A 237 20.40 6.12 -5.53
N LYS A 238 21.21 5.34 -6.27
CA LYS A 238 21.84 4.12 -5.79
C LYS A 238 20.86 3.02 -5.41
N SER A 239 19.75 2.91 -6.13
CA SER A 239 18.76 1.87 -5.89
C SER A 239 18.25 1.38 -7.20
N GLY A 240 18.50 0.12 -7.51
CA GLY A 240 18.04 -0.46 -8.77
C GLY A 240 16.53 -0.60 -8.81
N ASN A 241 15.88 -0.72 -7.63
CA ASN A 241 14.43 -0.79 -7.52
C ASN A 241 13.82 0.55 -7.81
N MET A 242 14.42 1.63 -7.25
CA MET A 242 13.95 2.98 -7.58
C MET A 242 14.15 3.28 -9.06
N GLY A 243 15.20 2.72 -9.67
CA GLY A 243 15.43 2.85 -11.09
C GLY A 243 14.29 2.24 -11.91
N ILE A 244 13.92 0.97 -11.61
CA ILE A 244 12.83 0.24 -12.30
C ILE A 244 11.51 0.96 -12.09
N MET A 245 11.18 1.31 -10.83
CA MET A 245 9.95 2.00 -10.48
C MET A 245 9.83 3.36 -11.15
N ALA A 246 10.95 4.08 -11.33
CA ALA A 246 10.91 5.40 -11.94
C ALA A 246 10.80 5.35 -13.46
N THR A 247 11.33 4.30 -14.10
CA THR A 247 11.38 4.24 -15.55
C THR A 247 10.42 3.25 -16.22
N LEU A 248 10.33 2.02 -15.74
CA LEU A 248 9.49 1.00 -16.39
C LEU A 248 7.98 1.29 -16.48
N PRO A 249 7.27 1.82 -15.45
CA PRO A 249 5.84 2.14 -15.65
C PRO A 249 5.63 3.20 -16.74
N ILE A 250 6.64 4.06 -16.99
CA ILE A 250 6.54 5.08 -18.03
C ILE A 250 6.86 4.48 -19.41
N ILE A 251 7.90 3.63 -19.51
CA ILE A 251 8.25 2.94 -20.75
C ILE A 251 7.05 2.09 -21.24
N ALA A 252 6.37 1.41 -20.32
CA ALA A 252 5.20 0.58 -20.66
C ALA A 252 3.99 1.40 -21.05
N TYR A 253 3.78 2.55 -20.36
CA TYR A 253 2.68 3.45 -20.66
C TYR A 253 2.86 4.02 -22.07
N ASP A 254 4.09 4.41 -22.42
CA ASP A 254 4.43 4.94 -23.73
C ASP A 254 4.21 3.89 -24.84
N TYR A 255 4.58 2.64 -24.59
CA TYR A 255 4.38 1.53 -25.54
C TYR A 255 2.89 1.29 -25.78
N SER A 256 2.07 1.43 -24.74
CA SER A 256 0.62 1.25 -24.83
C SER A 256 -0.11 2.47 -25.42
N ASN A 257 0.60 3.61 -25.57
CA ASN A 257 -0.01 4.83 -26.05
C ASN A 257 0.68 5.39 -27.34
N GLU A 258 1.35 6.56 -27.29
CA GLU A 258 1.85 7.21 -28.49
C GLU A 258 3.15 6.70 -29.07
N GLN A 259 3.96 5.97 -28.29
CA GLN A 259 5.30 5.51 -28.74
C GLN A 259 6.16 6.70 -29.24
N ASN A 260 6.01 7.85 -28.55
CA ASN A 260 6.64 9.14 -28.78
C ASN A 260 7.97 9.14 -28.03
N GLN A 261 9.09 9.04 -28.74
CA GLN A 261 10.40 9.00 -28.09
C GLN A 261 10.76 10.34 -27.41
N GLU A 262 10.27 11.47 -27.94
CA GLU A 262 10.54 12.78 -27.34
C GLU A 262 9.82 12.92 -26.01
N LYS A 263 8.52 12.57 -25.97
CA LYS A 263 7.70 12.60 -24.76
C LYS A 263 8.27 11.63 -23.71
N LEU A 264 8.73 10.45 -24.17
CA LEU A 264 9.30 9.44 -23.30
C LEU A 264 10.55 9.96 -22.61
N ILE A 265 11.48 10.59 -23.35
CA ILE A 265 12.69 11.16 -22.76
C ILE A 265 12.38 12.19 -21.66
N LYS A 266 11.47 13.13 -21.94
CA LYS A 266 11.09 14.17 -21.00
C LYS A 266 10.37 13.60 -19.75
N SER A 267 9.45 12.64 -19.95
CA SER A 267 8.72 12.01 -18.85
C SER A 267 9.63 11.15 -17.99
N ILE A 268 10.59 10.42 -18.62
CA ILE A 268 11.55 9.60 -17.88
C ILE A 268 12.46 10.54 -17.08
N LEU A 269 13.00 11.59 -17.72
CA LEU A 269 13.86 12.54 -17.03
C LEU A 269 13.16 13.22 -15.85
N LEU A 270 11.91 13.67 -16.02
CA LEU A 270 11.16 14.29 -14.92
C LEU A 270 10.99 13.31 -13.75
N SER A 271 10.72 12.04 -14.08
CA SER A 271 10.57 10.99 -13.08
C SER A 271 11.87 10.76 -12.31
N VAL A 272 13.02 10.75 -12.99
CA VAL A 272 14.30 10.59 -12.33
C VAL A 272 14.58 11.80 -11.44
N LEU A 273 14.33 13.00 -11.94
CA LEU A 273 14.52 14.25 -11.19
C LEU A 273 13.69 14.25 -9.90
N VAL A 274 12.43 13.81 -9.99
CA VAL A 274 11.53 13.73 -8.83
C VAL A 274 11.96 12.64 -7.86
N THR A 275 12.41 11.49 -8.38
CA THR A 275 12.88 10.36 -7.57
C THR A 275 14.10 10.77 -6.72
N ILE A 276 15.07 11.51 -7.32
CA ILE A 276 16.26 11.97 -6.60
C ILE A 276 15.84 13.00 -5.53
N TYR A 277 14.94 13.92 -5.90
CA TYR A 277 14.41 14.95 -5.03
C TYR A 277 13.76 14.33 -3.79
N ALA A 278 12.86 13.35 -3.98
CA ALA A 278 12.16 12.68 -2.89
C ALA A 278 13.14 11.94 -1.96
N THR A 279 14.19 11.34 -2.54
CA THR A 279 15.22 10.64 -1.81
C THR A 279 16.03 11.61 -0.94
N TYR A 280 16.40 12.76 -1.51
CA TYR A 280 17.17 13.77 -0.77
C TYR A 280 16.37 14.33 0.39
N LYS A 281 15.07 14.55 0.20
CA LYS A 281 14.24 15.10 1.27
C LYS A 281 13.99 14.05 2.37
N SER A 282 13.95 12.76 2.01
CA SER A 282 13.65 11.66 2.91
C SER A 282 14.82 11.25 3.80
N SER A 283 14.49 10.64 4.94
CA SER A 283 15.44 10.11 5.90
C SER A 283 15.27 8.57 5.94
N TYR A 284 16.36 7.81 6.08
CA TYR A 284 16.27 6.36 5.98
C TYR A 284 16.23 5.59 7.30
N LEU A 285 15.26 4.65 7.39
CA LEU A 285 15.09 3.70 8.49
C LEU A 285 14.46 2.41 7.93
N MET A 288 9.98 1.01 6.08
CA MET A 288 11.44 1.15 6.18
C MET A 288 12.04 1.37 4.77
N CYS A 289 11.53 0.60 3.80
CA CYS A 289 11.90 0.49 2.39
C CYS A 289 11.96 1.88 1.58
N GLY A 290 10.84 2.40 1.04
CA GLY A 290 10.79 3.64 0.24
C GLY A 290 10.96 3.57 -1.27
N CYS A 291 11.23 2.39 -1.85
CA CYS A 291 11.41 2.26 -3.31
C CYS A 291 10.21 2.79 -4.10
N VAL A 292 9.02 2.44 -3.63
CA VAL A 292 7.75 2.75 -4.26
C VAL A 292 7.22 4.11 -3.85
N SER A 293 7.46 4.54 -2.61
CA SER A 293 7.03 5.86 -2.17
C SER A 293 7.87 6.97 -2.84
N LYS A 294 9.14 6.70 -3.17
CA LYS A 294 9.99 7.69 -3.81
C LYS A 294 10.01 7.51 -5.33
N GLY A 295 10.25 6.29 -5.79
CA GLY A 295 10.27 5.97 -7.21
C GLY A 295 8.91 6.06 -7.86
N GLY A 296 7.86 5.72 -7.10
CA GLY A 296 6.48 5.78 -7.54
C GLY A 296 5.98 7.21 -7.64
N MET A 297 6.52 8.11 -6.79
CA MET A 297 6.19 9.53 -6.85
C MET A 297 6.79 10.11 -8.14
N GLY A 298 7.99 9.67 -8.51
CA GLY A 298 8.63 10.07 -9.75
C GLY A 298 7.81 9.55 -10.92
N ALA A 299 7.31 8.31 -10.83
CA ALA A 299 6.47 7.69 -11.85
C ALA A 299 5.14 8.39 -12.03
N VAL A 300 4.40 8.72 -10.95
CA VAL A 300 3.12 9.39 -11.08
C VAL A 300 3.29 10.79 -11.67
N ILE A 301 4.38 11.49 -11.32
CA ILE A 301 4.65 12.81 -11.87
C ILE A 301 5.02 12.72 -13.35
N GLY A 302 5.89 11.77 -13.68
CA GLY A 302 6.32 11.53 -15.06
C GLY A 302 5.19 11.09 -15.96
N LEU A 303 4.29 10.24 -15.45
CA LEU A 303 3.12 9.75 -16.19
C LEU A 303 2.14 10.93 -16.40
N CYS A 304 1.96 11.75 -15.38
CA CYS A 304 1.09 12.93 -15.43
C CYS A 304 1.59 13.94 -16.47
N TYR A 305 2.91 14.06 -16.65
CA TYR A 305 3.47 14.96 -17.65
C TYR A 305 3.24 14.39 -19.05
N TYR A 306 3.38 13.07 -19.21
CA TYR A 306 3.14 12.41 -20.49
C TYR A 306 1.65 12.58 -20.88
N LYS A 307 0.76 12.43 -19.91
CA LYS A 307 -0.69 12.52 -20.09
C LYS A 307 -1.26 13.94 -20.19
N ASN A 308 -0.75 14.90 -19.40
CA ASN A 308 -1.32 16.24 -19.33
C ASN A 308 -0.38 17.40 -19.69
N GLY A 309 0.87 17.10 -19.96
CA GLY A 309 1.86 18.12 -20.30
C GLY A 309 2.31 18.95 -19.12
N LYS A 310 2.69 20.20 -19.37
CA LYS A 310 3.16 21.15 -18.37
C LYS A 310 1.96 21.79 -17.65
N ASN A 311 1.12 20.96 -17.03
CA ASN A 311 -0.07 21.42 -16.30
C ASN A 311 0.18 21.23 -14.80
N ILE A 312 0.47 22.33 -14.09
CA ILE A 312 0.79 22.29 -12.67
C ILE A 312 -0.42 21.88 -11.80
N LYS A 313 -1.65 22.22 -12.21
CA LYS A 313 -2.84 21.83 -11.45
C LYS A 313 -3.03 20.29 -11.50
N LYS A 314 -2.70 19.67 -12.64
CA LYS A 314 -2.82 18.23 -12.79
C LYS A 314 -1.73 17.53 -12.00
N LEU A 315 -0.49 18.03 -12.11
CA LEU A 315 0.67 17.47 -11.41
C LEU A 315 0.45 17.46 -9.90
N ASP A 316 -0.07 18.56 -9.34
CA ASP A 316 -0.33 18.63 -7.91
C ASP A 316 -1.42 17.69 -7.48
N SER A 317 -2.41 17.47 -8.35
CA SER A 317 -3.50 16.56 -8.05
C SER A 317 -3.06 15.11 -8.09
N ALA A 318 -2.08 14.76 -8.95
CA ALA A 318 -1.59 13.39 -9.01
C ALA A 318 -0.69 13.13 -7.78
N ALA A 319 0.15 14.11 -7.39
CA ALA A 319 0.99 14.00 -6.21
C ALA A 319 0.13 13.79 -4.96
N ARG A 320 -1.00 14.51 -4.86
CA ARG A 320 -1.94 14.40 -3.74
C ARG A 320 -2.63 13.05 -3.70
N THR A 321 -3.14 12.56 -4.84
CA THR A 321 -3.83 11.27 -4.89
C THR A 321 -2.86 10.13 -4.63
N PHE A 322 -1.62 10.24 -5.13
CA PHE A 322 -0.60 9.22 -4.91
C PHE A 322 -0.22 9.15 -3.44
N THR A 323 -0.10 10.29 -2.78
CA THR A 323 0.24 10.36 -1.36
C THR A 323 -0.89 9.77 -0.52
N ALA A 324 -2.15 9.94 -0.93
CA ALA A 324 -3.29 9.36 -0.21
C ALA A 324 -3.43 7.87 -0.46
N ASN A 325 -3.04 7.40 -1.65
CA ASN A 325 -3.12 5.99 -2.02
C ASN A 325 -1.73 5.36 -1.96
N LEU A 326 -0.94 5.75 -0.96
CA LEU A 326 0.42 5.28 -0.81
C LEU A 326 0.46 3.79 -0.46
N PRO A 327 1.25 3.01 -1.21
CA PRO A 327 1.34 1.57 -0.94
C PRO A 327 2.09 1.21 0.37
N GLY A 328 2.02 -0.09 0.74
CA GLY A 328 2.64 -0.69 1.92
C GLY A 328 3.98 -0.15 2.37
N ILE A 329 4.05 0.29 3.63
CA ILE A 329 5.25 0.86 4.25
C ILE A 329 6.42 -0.12 4.25
N ILE A 330 6.13 -1.38 4.59
CA ILE A 330 7.15 -2.42 4.67
C ILE A 330 7.07 -3.49 3.56
N CYS A 331 8.22 -3.77 2.95
CA CYS A 331 8.35 -4.76 1.89
C CYS A 331 8.65 -6.12 2.51
N ASP A 332 8.08 -7.20 1.96
CA ASP A 332 8.33 -8.54 2.51
C ASP A 332 9.70 -9.10 2.15
N GLY A 333 10.32 -8.58 1.10
CA GLY A 333 11.63 -9.09 0.66
C GLY A 333 11.47 -10.44 -0.01
N GLY A 334 12.36 -11.37 0.27
CA GLY A 334 12.33 -12.69 -0.34
C GLY A 334 12.58 -12.61 -1.84
N LYS A 335 12.22 -13.66 -2.59
CA LYS A 335 12.43 -13.67 -4.04
C LYS A 335 11.38 -12.87 -4.85
N VAL A 336 10.19 -12.60 -4.27
CA VAL A 336 9.07 -11.99 -5.00
C VAL A 336 8.50 -10.68 -4.36
N GLY A 337 8.85 -10.41 -3.10
CA GLY A 337 8.35 -9.26 -2.36
C GLY A 337 8.41 -7.90 -3.03
N CYS A 338 9.60 -7.52 -3.52
CA CYS A 338 9.83 -6.25 -4.22
C CYS A 338 9.00 -6.18 -5.47
N ALA A 339 8.88 -7.29 -6.21
CA ALA A 339 8.08 -7.31 -7.44
C ALA A 339 6.61 -7.03 -7.14
N LEU A 340 6.10 -7.53 -6.01
CA LEU A 340 4.74 -7.30 -5.59
C LEU A 340 4.54 -5.84 -5.22
N LYS A 341 5.47 -5.26 -4.46
CA LYS A 341 5.38 -3.85 -4.07
C LYS A 341 5.44 -2.95 -5.30
N LEU A 342 6.27 -3.31 -6.27
CA LEU A 342 6.40 -2.54 -7.49
C LEU A 342 5.14 -2.61 -8.33
N ALA A 343 4.44 -3.77 -8.33
CA ALA A 343 3.17 -3.95 -9.04
C ALA A 343 2.10 -3.08 -8.38
N SER A 344 2.10 -2.99 -7.03
CA SER A 344 1.20 -2.13 -6.26
C SER A 344 1.49 -0.65 -6.55
N GLY A 345 2.77 -0.32 -6.71
CA GLY A 345 3.23 1.01 -7.06
C GLY A 345 2.71 1.40 -8.43
N CYS A 346 2.68 0.45 -9.38
CA CYS A 346 2.15 0.68 -10.74
C CYS A 346 0.70 1.06 -10.66
N PHE A 347 -0.09 0.28 -9.89
CA PHE A 347 -1.50 0.52 -9.71
C PHE A 347 -1.75 1.88 -9.07
N ALA A 348 -1.05 2.19 -7.96
CA ALA A 348 -1.23 3.49 -7.31
C ALA A 348 -0.85 4.66 -8.21
N ALA A 349 0.27 4.57 -8.93
CA ALA A 349 0.71 5.64 -9.82
C ALA A 349 -0.26 5.82 -10.98
N TYR A 350 -0.71 4.71 -11.59
CA TYR A 350 -1.64 4.77 -12.72
C TYR A 350 -3.00 5.31 -12.29
N SER A 351 -3.61 4.72 -11.25
CA SER A 351 -4.91 5.15 -10.74
C SER A 351 -4.96 6.59 -10.21
N SER A 352 -3.83 7.12 -9.73
CA SER A 352 -3.77 8.51 -9.25
C SER A 352 -4.04 9.55 -10.33
N LEU A 353 -3.90 9.17 -11.61
CA LEU A 353 -4.15 10.06 -12.73
C LEU A 353 -5.63 10.23 -13.06
N PHE A 354 -6.54 9.58 -12.30
CA PHE A 354 -7.97 9.63 -12.58
C PHE A 354 -8.84 10.07 -11.39
N VAL A 355 -8.23 10.37 -10.25
CA VAL A 355 -8.95 10.79 -9.06
C VAL A 355 -8.33 12.05 -8.50
N ASP A 356 -9.14 13.04 -8.12
CA ASP A 356 -8.66 14.29 -7.55
C ASP A 356 -9.12 14.39 -6.10
N ILE A 357 -8.19 14.60 -5.16
CA ILE A 357 -8.49 14.67 -3.72
C ILE A 357 -8.83 16.10 -3.24
N SER A 358 -9.83 16.22 -2.35
CA SER A 358 -10.27 17.49 -1.75
C SER A 358 -10.47 18.63 -2.76
N VAL A 364 -1.03 13.94 3.68
CA VAL A 364 -1.40 14.41 2.34
C VAL A 364 -1.40 15.93 2.29
N GLY A 365 -0.51 16.50 1.49
CA GLY A 365 -0.33 17.94 1.37
C GLY A 365 -1.30 18.70 0.49
N LYS A 366 -0.90 19.92 0.12
CA LYS A 366 -1.67 20.84 -0.72
C LYS A 366 -1.09 20.97 -2.15
N ASN A 367 0.13 20.46 -2.38
CA ASN A 367 0.86 20.55 -3.64
C ASN A 367 2.03 19.54 -3.63
N PHE A 368 2.73 19.40 -4.78
CA PHE A 368 3.87 18.50 -4.92
C PHE A 368 4.90 18.61 -3.79
N LYS A 369 5.39 19.83 -3.47
CA LYS A 369 6.40 20.05 -2.45
C LYS A 369 5.91 19.64 -1.07
N GLU A 370 4.68 20.01 -0.69
CA GLU A 370 4.11 19.64 0.60
C GLU A 370 3.92 18.12 0.69
N CYS A 371 3.59 17.45 -0.42
CA CYS A 371 3.40 16.00 -0.46
C CYS A 371 4.70 15.24 -0.22
N VAL A 372 5.79 15.62 -0.93
CA VAL A 372 7.11 15.01 -0.76
C VAL A 372 7.59 15.20 0.69
N GLU A 373 7.37 16.40 1.26
CA GLU A 373 7.74 16.70 2.63
C GLU A 373 6.91 15.94 3.65
N ASN A 374 5.65 15.62 3.32
CA ASN A 374 4.77 14.85 4.20
C ASN A 374 5.24 13.40 4.25
N ILE A 375 5.51 12.80 3.09
CA ILE A 375 6.05 11.44 3.03
C ILE A 375 7.40 11.34 3.76
N SER A 376 8.18 12.43 3.80
CA SER A 376 9.46 12.46 4.48
C SER A 376 9.26 12.39 5.99
N GLU A 377 8.24 13.11 6.51
CA GLU A 377 7.92 13.12 7.94
C GLU A 377 7.38 11.77 8.41
N ILE A 378 6.67 11.02 7.54
CA ILE A 378 6.16 9.70 7.92
C ILE A 378 7.31 8.67 8.07
N SER A 379 8.52 8.96 7.53
CA SER A 379 9.67 8.10 7.72
C SER A 379 10.21 8.36 9.13
N LYS A 380 9.70 7.61 10.11
CA LYS A 380 10.08 7.71 11.52
C LYS A 380 10.55 6.36 12.06
N ASP B 4 -19.42 -31.01 14.73
CA ASP B 4 -20.05 -31.03 13.42
C ASP B 4 -21.31 -30.15 13.40
N ASP B 5 -22.30 -30.45 14.27
CA ASP B 5 -23.52 -29.64 14.37
C ASP B 5 -23.42 -28.52 15.40
N TYR B 6 -22.48 -28.64 16.37
CA TYR B 6 -22.25 -27.57 17.34
C TYR B 6 -21.65 -26.36 16.62
N LYS B 7 -20.69 -26.62 15.70
CA LYS B 7 -20.02 -25.61 14.89
C LYS B 7 -21.04 -24.93 13.99
N ARG B 8 -21.95 -25.70 13.37
CA ARG B 8 -22.98 -25.14 12.48
C ARG B 8 -23.87 -24.11 13.16
N ILE B 9 -24.26 -24.36 14.43
CA ILE B 9 -25.10 -23.41 15.18
C ILE B 9 -24.31 -22.17 15.58
N LEU B 10 -23.03 -22.36 15.95
CA LEU B 10 -22.13 -21.27 16.33
C LEU B 10 -21.88 -20.32 15.16
N ILE B 11 -21.51 -20.88 13.99
CA ILE B 11 -21.24 -20.11 12.78
C ILE B 11 -22.51 -19.35 12.34
N THR B 12 -23.67 -20.03 12.34
CA THR B 12 -24.97 -19.47 11.95
C THR B 12 -25.38 -18.28 12.82
N LYS B 13 -25.14 -18.38 14.14
CA LYS B 13 -25.49 -17.30 15.06
C LYS B 13 -24.60 -16.09 14.85
N ILE B 14 -23.30 -16.33 14.61
CA ILE B 14 -22.34 -15.26 14.35
C ILE B 14 -22.65 -14.59 13.01
N LEU B 15 -23.07 -15.37 11.99
CA LEU B 15 -23.46 -14.88 10.67
C LEU B 15 -24.68 -13.96 10.74
N LYS B 16 -25.67 -14.31 11.55
CA LYS B 16 -26.87 -13.50 11.72
C LYS B 16 -26.60 -12.23 12.53
N ASN B 17 -25.59 -12.27 13.41
CA ASN B 17 -25.20 -11.17 14.27
C ASN B 17 -24.23 -10.18 13.59
N GLU B 18 -23.41 -10.64 12.63
CA GLU B 18 -22.42 -9.77 12.01
C GLU B 18 -22.76 -9.28 10.61
N VAL B 19 -23.80 -9.83 9.98
CA VAL B 19 -24.21 -9.36 8.65
C VAL B 19 -25.51 -8.58 8.81
N THR B 20 -25.43 -7.23 8.84
CA THR B 20 -26.59 -6.36 9.06
C THR B 20 -26.62 -5.17 8.08
N GLU B 21 -27.79 -4.55 7.90
CA GLU B 21 -27.91 -3.37 7.06
C GLU B 21 -27.45 -2.10 7.78
N ALA B 22 -26.86 -1.17 7.04
CA ALA B 22 -26.38 0.11 7.58
C ALA B 22 -26.69 1.19 6.55
N LEU B 23 -27.28 2.30 6.98
CA LEU B 23 -27.74 3.31 6.04
C LEU B 23 -26.64 4.25 5.51
N GLY B 24 -25.97 4.95 6.40
CA GLY B 24 -24.89 5.84 6.01
C GLY B 24 -23.54 5.35 6.49
N CYS B 25 -22.52 6.20 6.30
CA CYS B 25 -21.16 5.86 6.72
C CYS B 25 -21.06 5.91 8.25
N THR B 26 -20.12 5.13 8.81
CA THR B 26 -19.92 5.02 10.26
C THR B 26 -19.77 6.37 10.94
N GLU B 27 -19.01 7.29 10.36
CA GLU B 27 -18.81 8.62 10.94
C GLU B 27 -20.12 9.38 11.25
N VAL B 28 -21.02 9.51 10.25
CA VAL B 28 -22.27 10.23 10.48
C VAL B 28 -23.25 9.39 11.28
N GLY B 29 -23.28 8.08 11.03
CA GLY B 29 -24.20 7.16 11.70
C GLY B 29 -23.93 7.04 13.18
N LEU B 30 -22.66 7.12 13.55
CA LEU B 30 -22.18 7.05 14.93
C LEU B 30 -22.55 8.31 15.68
N ILE B 31 -22.43 9.47 15.03
CA ILE B 31 -22.83 10.75 15.61
C ILE B 31 -24.34 10.74 15.83
N GLY B 32 -25.09 10.32 14.82
CA GLY B 32 -26.55 10.25 14.88
C GLY B 32 -27.02 9.34 15.99
N TYR B 33 -26.36 8.18 16.15
CA TYR B 33 -26.71 7.23 17.19
C TYR B 33 -26.40 7.82 18.58
N ALA B 34 -25.19 8.40 18.77
CA ALA B 34 -24.81 9.01 20.05
C ALA B 34 -25.73 10.19 20.45
N VAL B 35 -26.16 11.00 19.48
CA VAL B 35 -27.06 12.11 19.76
C VAL B 35 -28.45 11.57 20.13
N SER B 36 -28.91 10.51 19.43
CA SER B 36 -30.21 9.91 19.71
C SER B 36 -30.26 9.22 21.09
N LEU B 37 -29.12 8.78 21.61
CA LEU B 37 -29.02 8.13 22.92
C LEU B 37 -29.33 9.06 24.10
N CYS B 38 -29.25 10.39 23.90
CA CYS B 38 -29.63 11.32 24.95
C CYS B 38 -31.16 11.32 25.21
N ASN B 39 -31.95 10.87 24.20
CA ASN B 39 -33.41 10.80 24.22
C ASN B 39 -34.05 12.12 24.66
N ILE B 40 -33.78 13.19 23.92
CA ILE B 40 -34.37 14.48 24.23
C ILE B 40 -35.81 14.49 23.70
N SER B 41 -36.76 14.94 24.52
CA SER B 41 -38.17 14.96 24.13
C SER B 41 -38.43 16.13 23.16
N ASP B 42 -37.93 17.32 23.51
CA ASP B 42 -38.08 18.49 22.65
C ASP B 42 -36.71 19.01 22.27
N PRO B 43 -36.32 18.83 20.99
CA PRO B 43 -35.00 19.33 20.57
C PRO B 43 -34.89 20.86 20.60
N PHE B 44 -36.03 21.57 20.52
CA PHE B 44 -36.03 23.03 20.56
C PHE B 44 -35.89 23.62 21.99
N SER B 45 -35.85 22.77 23.02
CA SER B 45 -35.65 23.19 24.42
C SER B 45 -34.17 23.08 24.84
N ILE B 46 -33.24 22.98 23.88
CA ILE B 46 -31.83 22.83 24.18
C ILE B 46 -31.08 24.16 24.20
N GLU B 47 -30.33 24.42 25.29
CA GLU B 47 -29.54 25.64 25.41
C GLU B 47 -28.16 25.46 24.76
N LYS B 48 -27.54 24.26 24.91
CA LYS B 48 -26.21 23.95 24.33
C LYS B 48 -25.96 22.45 24.03
N ILE B 49 -25.20 22.15 22.97
CA ILE B 49 -24.81 20.80 22.59
C ILE B 49 -23.32 20.78 22.28
N GLU B 50 -22.57 19.93 22.97
CA GLU B 50 -21.14 19.79 22.70
C GLU B 50 -20.88 18.36 22.24
N LEU B 51 -20.29 18.19 21.06
CA LEU B 51 -19.96 16.87 20.55
C LEU B 51 -18.46 16.68 20.56
N THR B 52 -17.98 15.62 21.20
CA THR B 52 -16.55 15.32 21.27
C THR B 52 -16.24 14.15 20.35
N LEU B 53 -15.38 14.36 19.37
CA LEU B 53 -15.03 13.34 18.40
C LEU B 53 -13.52 13.16 18.34
N ASN B 54 -13.06 11.93 18.12
CA ASN B 54 -11.63 11.71 17.89
C ASN B 54 -11.33 12.15 16.44
N ASN B 55 -10.09 12.56 16.15
CA ASN B 55 -9.74 13.05 14.81
C ASN B 55 -9.81 11.97 13.73
N GLY B 56 -9.53 10.72 14.09
CA GLY B 56 -9.60 9.60 13.16
C GLY B 56 -10.97 9.37 12.55
N SER B 57 -12.01 10.01 13.10
CA SER B 57 -13.39 9.90 12.60
C SER B 57 -13.97 11.28 12.22
N PHE B 58 -13.40 12.37 12.73
CA PHE B 58 -13.84 13.74 12.42
C PHE B 58 -13.46 14.08 10.98
N LYS B 59 -12.19 13.78 10.60
CA LYS B 59 -11.66 14.03 9.25
C LYS B 59 -12.39 13.18 8.19
N ASN B 60 -12.82 11.98 8.57
CA ASN B 60 -13.56 11.09 7.71
C ASN B 60 -15.07 11.41 7.75
N ALA B 61 -15.48 12.62 8.16
CA ALA B 61 -16.91 12.94 8.28
C ALA B 61 -17.31 14.29 7.73
N TYR B 62 -16.35 15.19 7.48
CA TYR B 62 -16.60 16.57 7.03
C TYR B 62 -17.32 16.65 5.68
N ALA B 63 -17.20 15.60 4.84
CA ALA B 63 -17.86 15.61 3.53
C ALA B 63 -18.80 14.42 3.28
N VAL B 64 -19.02 13.55 4.28
CA VAL B 64 -19.92 12.41 4.20
C VAL B 64 -21.39 12.87 4.15
N GLY B 65 -22.15 12.40 3.16
CA GLY B 65 -23.56 12.72 3.05
C GLY B 65 -24.37 12.03 4.13
N VAL B 66 -25.32 12.75 4.75
CA VAL B 66 -26.16 12.16 5.78
C VAL B 66 -27.46 11.73 5.13
N PRO B 67 -27.82 10.44 5.22
CA PRO B 67 -29.07 9.98 4.57
C PRO B 67 -30.32 10.66 5.08
N ASN B 68 -31.25 10.97 4.16
CA ASN B 68 -32.54 11.61 4.40
C ASN B 68 -32.45 13.07 4.80
N THR B 69 -31.32 13.72 4.51
CA THR B 69 -31.12 15.11 4.86
C THR B 69 -30.83 15.97 3.63
N LYS B 70 -30.18 15.37 2.60
CA LYS B 70 -29.70 16.08 1.41
C LYS B 70 -28.50 17.01 1.76
N LYS B 71 -27.87 16.82 2.95
CA LYS B 71 -26.75 17.62 3.45
C LYS B 71 -25.51 16.75 3.78
N TYR B 72 -24.34 17.39 3.96
CA TYR B 72 -23.08 16.70 4.24
C TYR B 72 -22.46 17.17 5.57
N GLY B 73 -21.79 16.26 6.28
CA GLY B 73 -21.08 16.62 7.50
C GLY B 73 -21.71 16.31 8.84
N ILE B 74 -21.08 16.86 9.88
CA ILE B 74 -21.44 16.72 11.28
C ILE B 74 -22.77 17.39 11.66
N LEU B 75 -22.99 18.65 11.23
CA LEU B 75 -24.23 19.38 11.58
C LEU B 75 -25.50 18.60 11.21
N PRO B 76 -25.70 18.13 9.96
CA PRO B 76 -26.90 17.34 9.66
C PRO B 76 -26.98 15.98 10.37
N ALA B 77 -25.82 15.38 10.75
CA ALA B 77 -25.81 14.09 11.45
C ALA B 77 -26.36 14.25 12.88
N VAL B 78 -26.02 15.39 13.54
CA VAL B 78 -26.50 15.73 14.88
C VAL B 78 -28.01 15.99 14.81
N VAL B 79 -28.46 16.76 13.80
CA VAL B 79 -29.89 17.05 13.62
C VAL B 79 -30.65 15.75 13.39
N GLY B 80 -30.10 14.89 12.54
CA GLY B 80 -30.66 13.58 12.22
C GLY B 80 -30.77 12.69 13.45
N GLY B 81 -29.83 12.83 14.38
CA GLY B 81 -29.84 12.09 15.64
C GLY B 81 -30.93 12.59 16.56
N LEU B 82 -31.15 13.91 16.59
CA LEU B 82 -32.22 14.53 17.38
C LEU B 82 -33.61 14.12 16.86
N LEU B 83 -33.71 13.79 15.56
CA LEU B 83 -34.94 13.37 14.93
C LEU B 83 -35.15 11.84 14.93
N GLY B 84 -34.06 11.08 14.95
CA GLY B 84 -34.13 9.62 14.90
C GLY B 84 -34.40 8.94 16.24
N ASP B 85 -34.50 7.60 16.21
CA ASP B 85 -34.75 6.78 17.41
C ASP B 85 -33.52 5.97 17.76
N HIS B 86 -33.16 5.94 19.05
CA HIS B 86 -31.99 5.18 19.52
C HIS B 86 -32.17 3.67 19.41
N LYS B 87 -33.41 3.19 19.35
CA LYS B 87 -33.69 1.77 19.19
C LYS B 87 -33.25 1.26 17.79
N ASN B 88 -33.12 2.17 16.81
CA ASN B 88 -32.68 1.86 15.45
C ASN B 88 -31.15 1.67 15.34
N LYS B 89 -30.37 2.06 16.38
CA LYS B 89 -28.90 1.95 16.43
C LYS B 89 -28.21 2.61 15.20
N LEU B 90 -27.52 1.82 14.35
CA LEU B 90 -26.84 2.21 13.12
C LEU B 90 -27.79 2.57 11.94
N LEU B 91 -29.11 2.42 12.15
CA LEU B 91 -30.14 2.77 11.18
C LEU B 91 -30.99 3.94 11.75
N VAL B 92 -30.37 4.84 12.56
CA VAL B 92 -31.06 5.95 13.23
C VAL B 92 -31.62 6.96 12.23
N PHE B 93 -30.93 7.18 11.11
CA PHE B 93 -31.40 8.10 10.07
C PHE B 93 -32.58 7.58 9.24
N ASN B 94 -33.01 6.34 9.47
CA ASN B 94 -34.10 5.75 8.72
C ASN B 94 -35.44 6.37 9.10
N GLY B 95 -36.17 6.84 8.10
CA GLY B 95 -37.47 7.44 8.29
C GLY B 95 -37.50 8.88 8.76
N ILE B 96 -36.35 9.48 9.13
CA ILE B 96 -36.33 10.87 9.61
C ILE B 96 -36.93 11.86 8.60
N LYS B 97 -37.53 12.93 9.12
CA LYS B 97 -38.08 13.99 8.29
C LYS B 97 -37.22 15.21 8.61
N TYR B 98 -36.20 15.46 7.78
CA TYR B 98 -35.26 16.56 8.03
C TYR B 98 -35.92 17.92 8.23
N SER B 99 -35.49 18.63 9.27
CA SER B 99 -36.00 19.95 9.60
C SER B 99 -34.93 21.01 9.41
N GLN B 100 -35.12 21.89 8.41
CA GLN B 100 -34.23 23.02 8.15
C GLN B 100 -34.29 24.04 9.31
N LYS B 101 -35.43 24.12 10.00
CA LYS B 101 -35.63 25.00 11.17
C LYS B 101 -34.75 24.52 12.32
N LEU B 102 -34.72 23.21 12.58
CA LEU B 102 -33.90 22.63 13.64
C LEU B 102 -32.40 22.72 13.29
N GLU B 103 -32.05 22.64 12.00
CA GLU B 103 -30.66 22.76 11.57
C GLU B 103 -30.08 24.12 11.94
N ASP B 104 -30.78 25.21 11.58
CA ASP B 104 -30.36 26.59 11.87
C ASP B 104 -30.37 26.87 13.37
N PHE B 105 -31.31 26.28 14.11
CA PHE B 105 -31.42 26.42 15.57
C PHE B 105 -30.20 25.82 16.26
N ILE B 106 -29.81 24.61 15.80
CA ILE B 106 -28.71 23.83 16.37
C ILE B 106 -27.34 24.39 15.97
N LYS B 107 -27.17 24.89 14.75
CA LYS B 107 -25.90 25.46 14.28
C LYS B 107 -25.38 26.56 15.23
N GLU B 108 -26.29 27.30 15.86
CA GLU B 108 -25.98 28.37 16.80
C GLU B 108 -25.55 27.86 18.19
N ARG B 109 -26.02 26.67 18.58
CA ARG B 109 -25.73 26.04 19.88
C ARG B 109 -24.76 24.88 19.82
N LEU B 110 -24.22 24.54 18.64
CA LEU B 110 -23.34 23.36 18.53
C LEU B 110 -21.86 23.65 18.61
N LYS B 111 -21.19 23.00 19.54
CA LYS B 111 -19.75 23.13 19.69
C LYS B 111 -19.11 21.76 19.42
N ILE B 112 -18.04 21.73 18.64
CA ILE B 112 -17.37 20.47 18.31
C ILE B 112 -15.96 20.45 18.88
N ARG B 113 -15.65 19.46 19.71
CA ARG B 113 -14.34 19.33 20.30
C ARG B 113 -13.63 18.14 19.68
N VAL B 114 -12.44 18.34 19.12
CA VAL B 114 -11.71 17.24 18.47
C VAL B 114 -10.50 16.81 19.29
N ILE B 115 -10.40 15.51 19.59
CA ILE B 115 -9.29 14.98 20.39
C ILE B 115 -8.47 13.97 19.59
N ASN B 116 -7.20 13.75 19.98
CA ASN B 116 -6.33 12.80 19.28
C ASN B 116 -6.32 11.48 20.07
N SER B 117 -7.24 10.56 19.74
CA SER B 117 -7.37 9.33 20.50
C SER B 117 -8.02 8.19 19.65
N PRO B 118 -8.09 6.90 20.13
CA PRO B 118 -8.88 5.90 19.37
C PRO B 118 -10.36 6.32 19.27
N LEU B 119 -11.23 5.52 18.60
CA LEU B 119 -12.65 5.90 18.41
C LEU B 119 -13.33 6.46 19.68
N TYR B 120 -13.98 7.62 19.55
CA TYR B 120 -14.63 8.32 20.64
C TYR B 120 -15.73 9.21 20.10
N CYS B 121 -16.91 9.13 20.69
CA CYS B 121 -18.03 9.95 20.29
C CYS B 121 -18.91 10.26 21.50
N GLY B 122 -18.68 11.40 22.10
CA GLY B 122 -19.43 11.83 23.28
C GLY B 122 -20.31 13.02 23.00
N VAL B 123 -21.48 13.06 23.62
CA VAL B 123 -22.43 14.14 23.44
C VAL B 123 -22.85 14.65 24.80
N LYS B 124 -22.77 15.95 25.00
CA LYS B 124 -23.20 16.59 26.25
C LYS B 124 -24.23 17.63 25.86
N ILE B 125 -25.38 17.65 26.53
CA ILE B 125 -26.45 18.59 26.20
C ILE B 125 -27.00 19.29 27.44
N LYS B 126 -27.11 20.62 27.38
CA LYS B 126 -27.68 21.39 28.47
C LYS B 126 -29.08 21.81 28.08
N ASP B 127 -30.01 21.61 28.98
CA ASP B 127 -31.43 21.91 28.81
C ASP B 127 -31.69 23.38 29.10
N ASN B 128 -32.78 23.93 28.55
CA ASN B 128 -33.17 25.31 28.90
C ASN B 128 -33.63 25.46 30.37
N SER B 129 -33.60 24.35 31.14
CA SER B 129 -33.98 24.29 32.56
C SER B 129 -32.78 23.94 33.50
N GLY B 130 -31.58 23.86 32.95
CA GLY B 130 -30.38 23.54 33.73
C GLY B 130 -30.02 22.05 33.74
N ASN B 131 -30.97 21.18 33.38
CA ASN B 131 -30.78 19.73 33.33
C ASN B 131 -29.70 19.35 32.32
N THR B 132 -28.92 18.30 32.61
CA THR B 132 -27.87 17.89 31.69
C THR B 132 -28.10 16.48 31.21
N PHE B 133 -27.70 16.19 29.96
CA PHE B 133 -27.87 14.87 29.35
C PHE B 133 -26.56 14.46 28.67
N GLU B 134 -26.05 13.27 28.99
CA GLU B 134 -24.78 12.82 28.43
C GLU B 134 -24.88 11.48 27.70
N SER B 135 -24.04 11.33 26.68
CA SER B 135 -23.98 10.16 25.83
C SER B 135 -22.52 9.85 25.51
N LEU B 136 -22.17 8.58 25.35
CA LEU B 136 -20.80 8.19 25.03
C LEU B 136 -20.66 6.81 24.36
N ILE B 137 -20.12 6.79 23.14
CA ILE B 137 -19.76 5.56 22.43
C ILE B 137 -18.22 5.61 22.25
N LYS B 138 -17.48 4.53 22.60
CA LYS B 138 -16.01 4.57 22.45
C LYS B 138 -15.39 3.23 22.06
N ASP B 139 -14.16 3.26 21.49
CA ASP B 139 -13.37 2.10 21.04
C ASP B 139 -13.90 1.47 19.74
N ASN B 140 -15.21 1.24 19.67
CA ASN B 140 -15.91 0.72 18.52
C ASN B 140 -17.39 1.09 18.64
N HIS B 141 -18.03 1.48 17.53
CA HIS B 141 -19.45 1.83 17.50
C HIS B 141 -20.33 0.77 18.16
N LEU B 142 -21.47 1.17 18.70
CA LEU B 142 -22.32 0.25 19.46
C LEU B 142 -21.77 -0.03 20.87
N ASN B 143 -20.52 0.42 21.21
CA ASN B 143 -20.02 0.25 22.58
C ASN B 143 -20.53 1.45 23.36
N VAL B 144 -21.78 1.35 23.81
CA VAL B 144 -22.41 2.44 24.50
C VAL B 144 -22.02 2.41 25.95
N VAL B 145 -21.21 3.37 26.35
CA VAL B 145 -20.73 3.52 27.70
C VAL B 145 -21.75 4.31 28.53
N ILE B 146 -22.26 5.41 27.94
CA ILE B 146 -23.27 6.27 28.56
C ILE B 146 -24.39 6.44 27.54
N PRO B 147 -25.65 6.10 27.87
CA PRO B 147 -26.13 5.57 29.14
C PRO B 147 -25.91 4.06 29.30
N LYS B 148 -26.09 3.56 30.52
CA LYS B 148 -25.93 2.14 30.77
C LYS B 148 -27.11 1.37 30.13
N ILE B 149 -26.82 0.55 29.12
CA ILE B 149 -27.83 -0.22 28.42
C ILE B 149 -27.56 -1.73 28.55
N ASN B 150 -28.61 -2.56 28.45
CA ASN B 150 -28.47 -4.02 28.50
C ASN B 150 -27.82 -4.50 27.19
N ASN B 151 -26.91 -5.50 27.28
CA ASN B 151 -26.23 -6.02 26.08
C ASN B 151 -27.17 -6.78 25.16
N LYS B 152 -27.41 -6.23 23.96
CA LYS B 152 -28.32 -6.83 23.01
C LYS B 152 -27.66 -7.86 22.08
N LEU B 153 -26.66 -7.46 21.28
CA LEU B 153 -26.01 -8.37 20.33
C LEU B 153 -24.88 -9.20 20.95
N ILE B 154 -24.75 -10.47 20.53
CA ILE B 154 -23.71 -11.37 21.02
C ILE B 154 -22.90 -11.98 19.88
N GLY B 159 -18.74 -13.21 24.44
CA GLY B 159 -17.29 -13.16 24.30
C GLY B 159 -16.70 -14.53 24.11
N SER B 160 -17.25 -15.53 24.82
CA SER B 160 -16.78 -16.91 24.71
C SER B 160 -17.21 -17.56 23.38
N GLU B 161 -18.33 -17.10 22.79
CA GLU B 161 -18.82 -17.60 21.51
C GLU B 161 -17.84 -17.16 20.43
N LYS B 162 -17.43 -15.87 20.45
CA LYS B 162 -16.47 -15.30 19.51
C LYS B 162 -15.09 -15.94 19.69
N GLU B 163 -14.74 -16.30 20.92
CA GLU B 163 -13.48 -16.95 21.27
C GLU B 163 -13.41 -18.36 20.67
N GLU B 164 -14.53 -19.07 20.62
CA GLU B 164 -14.59 -20.39 20.03
C GLU B 164 -14.42 -20.24 18.52
N TYR B 165 -15.15 -19.29 17.91
CA TYR B 165 -15.10 -19.01 16.47
C TYR B 165 -13.69 -18.57 16.04
N LYS B 166 -12.98 -17.82 16.91
CA LYS B 166 -11.60 -17.37 16.72
C LYS B 166 -10.62 -18.57 16.64
N ASN B 167 -10.98 -19.70 17.25
CA ASN B 167 -10.16 -20.89 17.27
C ASN B 167 -10.49 -21.89 16.15
N LEU B 168 -11.47 -21.57 15.26
CA LEU B 168 -11.83 -22.44 14.15
C LEU B 168 -10.75 -22.44 13.07
N GLU B 169 -10.75 -23.48 12.23
CA GLU B 169 -9.81 -23.59 11.12
C GLU B 169 -10.48 -23.14 9.81
N LEU B 170 -9.68 -22.93 8.74
CA LEU B 170 -10.22 -22.56 7.44
C LEU B 170 -11.11 -23.71 6.90
N LEU B 171 -10.71 -24.96 7.16
CA LEU B 171 -11.47 -26.15 6.76
C LEU B 171 -12.90 -26.14 7.32
N ASP B 172 -13.08 -25.57 8.53
CA ASP B 172 -14.39 -25.47 9.13
C ASP B 172 -15.31 -24.60 8.28
N PHE B 173 -14.80 -23.49 7.74
CA PHE B 173 -15.59 -22.61 6.88
C PHE B 173 -15.85 -23.27 5.52
N LEU B 174 -14.88 -24.06 5.01
CA LEU B 174 -15.02 -24.80 3.76
C LEU B 174 -16.08 -25.91 3.87
N GLU B 175 -16.24 -26.49 5.08
CA GLU B 175 -17.26 -27.50 5.30
C GLU B 175 -18.63 -26.84 5.37
N TYR B 176 -18.72 -25.71 6.11
CA TYR B 176 -19.95 -24.93 6.29
C TYR B 176 -20.60 -24.48 4.98
N ILE B 177 -19.78 -24.01 4.03
CA ILE B 177 -20.31 -23.56 2.73
C ILE B 177 -20.81 -24.71 1.84
N ASP B 178 -20.53 -25.97 2.22
CA ASP B 178 -21.02 -27.13 1.46
C ASP B 178 -22.41 -27.60 1.95
N GLU B 179 -22.83 -27.19 3.16
CA GLU B 179 -24.16 -27.51 3.68
C GLU B 179 -24.66 -26.28 4.42
N ILE B 180 -25.04 -25.25 3.65
CA ILE B 180 -25.50 -23.97 4.19
C ILE B 180 -26.96 -24.05 4.60
N PRO B 181 -27.31 -23.57 5.81
CA PRO B 181 -28.74 -23.51 6.19
C PRO B 181 -29.55 -22.61 5.26
N GLU B 182 -30.87 -22.86 5.14
CA GLU B 182 -31.73 -22.06 4.26
C GLU B 182 -31.75 -20.59 4.63
N GLU B 183 -31.81 -20.31 5.93
CA GLU B 183 -31.83 -18.95 6.48
C GLU B 183 -30.55 -18.17 6.11
N ILE B 184 -29.42 -18.87 6.02
CA ILE B 184 -28.15 -18.25 5.67
C ILE B 184 -28.04 -18.02 4.15
N ILE B 185 -28.66 -18.87 3.33
CA ILE B 185 -28.67 -18.67 1.87
C ILE B 185 -29.47 -17.40 1.53
N GLN B 186 -30.59 -17.17 2.24
CA GLN B 186 -31.40 -15.96 2.05
C GLN B 186 -30.61 -14.71 2.43
N LEU B 187 -29.83 -14.79 3.52
CA LEU B 187 -28.97 -13.73 4.03
C LEU B 187 -27.87 -13.40 3.02
N VAL B 188 -27.21 -14.43 2.44
CA VAL B 188 -26.16 -14.27 1.44
C VAL B 188 -26.73 -13.64 0.16
N GLU B 189 -27.92 -14.09 -0.28
CA GLU B 189 -28.57 -13.55 -1.48
C GLU B 189 -28.97 -12.09 -1.28
N LYS B 190 -29.43 -11.74 -0.06
CA LYS B 190 -29.79 -10.36 0.29
C LYS B 190 -28.55 -9.47 0.29
N THR B 191 -27.42 -10.01 0.76
CA THR B 191 -26.12 -9.33 0.81
C THR B 191 -25.64 -9.01 -0.62
N ILE B 192 -25.75 -9.99 -1.54
CA ILE B 192 -25.37 -9.86 -2.94
C ILE B 192 -26.24 -8.83 -3.64
N TYR B 193 -27.55 -8.86 -3.37
CA TYR B 193 -28.46 -7.92 -4.01
C TYR B 193 -28.21 -6.50 -3.52
N THR B 194 -28.14 -6.33 -2.20
CA THR B 194 -27.97 -5.03 -1.56
C THR B 194 -26.69 -4.35 -2.00
N ASN B 195 -25.56 -5.05 -1.93
CA ASN B 195 -24.27 -4.48 -2.29
C ASN B 195 -24.10 -4.30 -3.80
N ASN B 196 -24.83 -5.09 -4.62
CA ASN B 196 -24.80 -4.91 -6.06
C ASN B 196 -25.61 -3.67 -6.45
N ASN B 197 -26.69 -3.36 -5.70
CA ASN B 197 -27.52 -2.18 -5.92
C ASN B 197 -26.80 -0.86 -5.67
N LEU B 198 -25.71 -0.89 -4.90
CA LEU B 198 -24.91 0.30 -4.63
C LEU B 198 -24.11 0.72 -5.89
N ILE B 199 -23.88 -0.20 -6.85
CA ILE B 199 -23.16 0.10 -8.08
C ILE B 199 -24.00 1.05 -8.93
N LYS B 200 -23.52 2.28 -9.14
CA LYS B 200 -24.24 3.26 -9.93
C LYS B 200 -23.33 3.85 -11.04
N GLY B 201 -22.87 5.10 -10.91
CA GLY B 201 -22.00 5.71 -11.90
C GLY B 201 -20.58 5.17 -11.83
N ASP B 202 -19.93 5.01 -12.99
CA ASP B 202 -18.55 4.50 -13.03
C ASP B 202 -17.57 5.49 -12.38
N PHE B 203 -16.71 5.00 -11.46
CA PHE B 203 -15.75 5.83 -10.74
C PHE B 203 -14.29 5.61 -11.21
N LEU B 204 -13.82 4.36 -11.25
CA LEU B 204 -12.47 4.03 -11.71
C LEU B 204 -12.52 2.98 -12.82
N ASN B 205 -12.78 3.45 -14.03
CA ASN B 205 -12.95 2.64 -15.23
C ASN B 205 -11.73 1.76 -15.63
N PHE B 206 -10.63 2.34 -16.16
CA PHE B 206 -9.46 1.61 -16.71
C PHE B 206 -9.83 0.74 -17.93
N GLY B 207 -10.91 1.09 -18.63
CA GLY B 207 -11.41 0.32 -19.75
C GLY B 207 -12.25 -0.85 -19.28
N ASN B 208 -12.05 -2.02 -19.89
CA ASN B 208 -12.78 -3.22 -19.51
C ASN B 208 -11.88 -4.46 -19.43
N ASP B 209 -11.88 -5.08 -18.25
CA ASP B 209 -11.14 -6.28 -17.88
C ASP B 209 -11.75 -6.82 -16.57
N CYS B 210 -11.39 -8.06 -16.15
CA CYS B 210 -11.88 -8.59 -14.88
C CYS B 210 -11.47 -7.68 -13.72
N LEU B 211 -10.17 -7.31 -13.67
CA LEU B 211 -9.61 -6.45 -12.63
C LEU B 211 -10.22 -5.05 -12.64
N SER B 212 -10.23 -4.37 -13.79
CA SER B 212 -10.80 -3.03 -13.87
C SER B 212 -12.32 -3.01 -13.64
N ASN B 213 -12.99 -4.16 -13.82
CA ASN B 213 -14.40 -4.26 -13.52
C ASN B 213 -14.59 -4.32 -12.02
N MET B 214 -13.72 -5.08 -11.31
CA MET B 214 -13.78 -5.18 -9.86
C MET B 214 -13.54 -3.83 -9.23
N VAL B 215 -12.51 -3.12 -9.73
CA VAL B 215 -12.12 -1.79 -9.24
C VAL B 215 -13.25 -0.82 -9.44
N ASN B 216 -13.81 -0.78 -10.65
CA ASN B 216 -14.90 0.12 -11.01
C ASN B 216 -16.17 -0.10 -10.20
N LYS B 217 -16.55 -1.36 -9.99
CA LYS B 217 -17.76 -1.67 -9.24
C LYS B 217 -17.59 -1.45 -7.74
N THR B 218 -16.42 -1.77 -7.18
CA THR B 218 -16.15 -1.57 -5.77
C THR B 218 -16.11 -0.08 -5.42
N THR B 219 -15.35 0.70 -6.20
CA THR B 219 -15.26 2.14 -5.97
C THR B 219 -16.59 2.86 -6.26
N SER B 220 -17.43 2.31 -7.17
CA SER B 220 -18.73 2.89 -7.46
C SER B 220 -19.67 2.70 -6.29
N ALA B 221 -19.75 1.48 -5.71
CA ALA B 221 -20.58 1.19 -4.55
C ALA B 221 -20.16 2.07 -3.35
N CYS B 222 -18.85 2.27 -3.18
N CYS B 222 -18.83 2.27 -3.19
CA CYS B 222 -18.33 3.10 -2.10
CA CYS B 222 -18.22 3.10 -2.15
C CYS B 222 -18.78 4.56 -2.28
C CYS B 222 -18.70 4.54 -2.28
N ASN B 223 -18.66 5.08 -3.52
CA ASN B 223 -19.05 6.45 -3.81
C ASN B 223 -20.54 6.69 -3.55
N THR B 224 -21.40 5.68 -3.83
CA THR B 224 -22.84 5.75 -3.60
C THR B 224 -23.13 6.00 -2.10
N ARG B 225 -22.42 5.29 -1.21
N ARG B 225 -22.42 5.29 -1.21
CA ARG B 225 -22.57 5.44 0.24
CA ARG B 225 -22.59 5.45 0.24
C ARG B 225 -22.02 6.78 0.71
C ARG B 225 -22.03 6.80 0.70
N MET B 226 -20.85 7.16 0.20
CA MET B 226 -20.15 8.38 0.52
C MET B 226 -20.97 9.63 0.24
N ILE B 227 -21.73 9.65 -0.88
CA ILE B 227 -22.55 10.82 -1.20
C ILE B 227 -23.88 10.90 -0.39
N GLY B 228 -24.18 9.88 0.44
CA GLY B 228 -25.34 9.85 1.31
C GLY B 228 -26.66 9.40 0.71
N GLU B 229 -26.62 8.55 -0.33
CA GLU B 229 -27.85 8.07 -0.93
C GLU B 229 -28.65 7.22 0.06
N ASN B 230 -30.01 7.30 0.03
CA ASN B 230 -30.84 6.57 0.96
C ASN B 230 -30.94 5.08 0.61
N MET B 231 -29.84 4.47 0.22
CA MET B 231 -29.81 3.04 -0.06
C MET B 231 -28.86 2.35 0.89
N PRO B 232 -29.34 1.31 1.58
CA PRO B 232 -28.52 0.63 2.58
C PRO B 232 -27.40 -0.21 1.97
N ALA B 233 -26.47 -0.58 2.83
CA ALA B 233 -25.39 -1.46 2.48
C ALA B 233 -25.40 -2.63 3.45
N MET B 234 -24.88 -3.76 3.01
CA MET B 234 -24.77 -4.92 3.88
C MET B 234 -23.38 -4.87 4.52
N SER B 235 -23.36 -4.51 5.79
CA SER B 235 -22.15 -4.38 6.56
C SER B 235 -21.74 -5.73 7.19
N VAL B 236 -20.43 -5.93 7.35
CA VAL B 236 -19.89 -7.15 7.94
C VAL B 236 -19.09 -6.74 9.16
N ALA B 237 -19.50 -7.17 10.36
CA ALA B 237 -18.95 -6.79 11.67
C ALA B 237 -19.10 -5.28 11.79
N LYS B 238 -20.34 -4.80 11.53
CA LYS B 238 -20.68 -3.38 11.40
C LYS B 238 -19.87 -2.86 10.15
N SER B 239 -19.37 -1.61 10.07
CA SER B 239 -18.58 -1.17 8.89
C SER B 239 -19.14 -1.60 7.51
N GLY B 240 -19.66 -0.65 6.75
CA GLY B 240 -20.16 -0.92 5.41
C GLY B 240 -19.02 -1.15 4.44
N ASN B 241 -17.87 -0.47 4.64
CA ASN B 241 -16.65 -0.61 3.83
C ASN B 241 -16.13 -2.04 3.83
N MET B 242 -16.21 -2.70 4.98
CA MET B 242 -15.80 -4.10 5.10
C MET B 242 -16.73 -5.00 4.34
N GLY B 243 -18.02 -4.67 4.30
CA GLY B 243 -19.00 -5.42 3.54
C GLY B 243 -18.81 -5.26 2.05
N ILE B 244 -18.46 -4.04 1.61
CA ILE B 244 -18.22 -3.76 0.19
C ILE B 244 -16.98 -4.53 -0.26
N MET B 245 -15.90 -4.44 0.53
CA MET B 245 -14.65 -5.11 0.24
C MET B 245 -14.79 -6.63 0.23
N ALA B 246 -15.65 -7.19 1.08
CA ALA B 246 -15.81 -8.65 1.13
C ALA B 246 -16.69 -9.19 0.03
N THR B 247 -17.63 -8.39 -0.48
CA THR B 247 -18.60 -8.86 -1.46
C THR B 247 -18.43 -8.35 -2.90
N LEU B 248 -18.28 -7.03 -3.09
CA LEU B 248 -18.20 -6.43 -4.43
C LEU B 248 -17.13 -7.02 -5.35
N PRO B 249 -15.84 -7.19 -4.95
CA PRO B 249 -14.87 -7.77 -5.89
C PRO B 249 -15.25 -9.17 -6.37
N ILE B 250 -15.95 -9.96 -5.52
CA ILE B 250 -16.40 -11.29 -5.90
C ILE B 250 -17.59 -11.21 -6.85
N ILE B 251 -18.56 -10.33 -6.58
CA ILE B 251 -19.72 -10.08 -7.45
C ILE B 251 -19.24 -9.65 -8.86
N ALA B 252 -18.23 -8.79 -8.92
CA ALA B 252 -17.67 -8.30 -10.19
C ALA B 252 -16.88 -9.38 -10.91
N TYR B 253 -16.12 -10.20 -10.16
CA TYR B 253 -15.35 -11.30 -10.74
C TYR B 253 -16.30 -12.31 -11.38
N ASP B 254 -17.41 -12.64 -10.68
CA ASP B 254 -18.41 -13.57 -11.15
C ASP B 254 -19.08 -13.05 -12.42
N TYR B 255 -19.41 -11.76 -12.48
CA TYR B 255 -20.02 -11.15 -13.66
C TYR B 255 -19.07 -11.20 -14.85
N SER B 256 -17.76 -11.02 -14.63
CA SER B 256 -16.75 -11.08 -15.68
C SER B 256 -16.34 -12.50 -16.10
N ASN B 257 -16.51 -13.51 -15.24
CA ASN B 257 -16.12 -14.89 -15.57
C ASN B 257 -17.28 -15.79 -15.20
N GLU B 258 -17.97 -16.39 -16.20
CA GLU B 258 -19.19 -17.18 -15.98
C GLU B 258 -20.29 -16.24 -15.40
N GLN B 259 -21.30 -16.79 -14.71
CA GLN B 259 -22.35 -16.09 -13.98
C GLN B 259 -23.02 -17.18 -13.14
N ASN B 260 -22.20 -17.88 -12.34
CA ASN B 260 -22.63 -19.03 -11.56
C ASN B 260 -23.19 -18.55 -10.23
N GLN B 261 -24.52 -18.56 -10.05
CA GLN B 261 -25.11 -18.09 -8.81
C GLN B 261 -24.78 -18.99 -7.61
N GLU B 262 -24.60 -20.30 -7.84
CA GLU B 262 -24.27 -21.24 -6.77
C GLU B 262 -22.85 -20.97 -6.27
N LYS B 263 -21.87 -20.85 -7.20
CA LYS B 263 -20.49 -20.55 -6.82
C LYS B 263 -20.39 -19.17 -6.17
N LEU B 264 -21.18 -18.19 -6.64
CA LEU B 264 -21.20 -16.85 -6.07
C LEU B 264 -21.64 -16.89 -4.61
N ILE B 265 -22.72 -17.60 -4.29
CA ILE B 265 -23.20 -17.73 -2.92
C ILE B 265 -22.12 -18.31 -1.98
N LYS B 266 -21.48 -19.41 -2.39
CA LYS B 266 -20.44 -20.08 -1.60
C LYS B 266 -19.19 -19.20 -1.42
N SER B 267 -18.76 -18.53 -2.50
CA SER B 267 -17.59 -17.64 -2.46
C SER B 267 -17.86 -16.39 -1.61
N ILE B 268 -19.07 -15.81 -1.70
CA ILE B 268 -19.46 -14.66 -0.89
C ILE B 268 -19.51 -15.09 0.58
N LEU B 269 -20.18 -16.22 0.86
CA LEU B 269 -20.27 -16.72 2.23
C LEU B 269 -18.89 -16.98 2.85
N LEU B 270 -17.97 -17.64 2.12
CA LEU B 270 -16.63 -17.91 2.62
C LEU B 270 -15.89 -16.59 2.92
N SER B 271 -16.08 -15.59 2.07
CA SER B 271 -15.49 -14.27 2.24
C SER B 271 -16.02 -13.59 3.50
N VAL B 272 -17.31 -13.68 3.76
CA VAL B 272 -17.89 -13.09 4.96
C VAL B 272 -17.37 -13.82 6.21
N LEU B 273 -17.32 -15.16 6.15
CA LEU B 273 -16.82 -15.98 7.24
C LEU B 273 -15.37 -15.61 7.59
N VAL B 274 -14.53 -15.43 6.57
CA VAL B 274 -13.13 -15.04 6.73
C VAL B 274 -12.99 -13.61 7.27
N THR B 275 -13.83 -12.69 6.76
CA THR B 275 -13.85 -11.29 7.19
C THR B 275 -14.17 -11.18 8.68
N ILE B 276 -15.18 -11.93 9.17
CA ILE B 276 -15.56 -11.93 10.59
C ILE B 276 -14.43 -12.52 11.43
N TYR B 277 -13.85 -13.63 10.96
CA TYR B 277 -12.73 -14.32 11.60
C TYR B 277 -11.54 -13.37 11.79
N ALA B 278 -11.12 -12.67 10.73
CA ALA B 278 -10.00 -11.74 10.77
C ALA B 278 -10.27 -10.59 11.75
N THR B 279 -11.52 -10.11 11.80
CA THR B 279 -11.95 -9.04 12.69
C THR B 279 -11.85 -9.50 14.14
N TYR B 280 -12.32 -10.71 14.43
CA TYR B 280 -12.28 -11.26 15.78
C TYR B 280 -10.84 -11.47 16.25
N LYS B 281 -9.93 -11.82 15.33
CA LYS B 281 -8.52 -12.02 15.64
C LYS B 281 -7.69 -10.73 15.66
N SER B 282 -8.32 -9.56 15.88
CA SER B 282 -7.58 -8.30 15.94
C SER B 282 -6.93 -8.10 17.32
N MET B 288 -6.96 -0.85 14.20
CA MET B 288 -7.40 0.47 13.76
C MET B 288 -8.47 0.33 12.64
N CYS B 289 -8.28 0.89 11.40
CA CYS B 289 -9.25 0.75 10.32
C CYS B 289 -9.29 -0.74 9.85
N GLY B 290 -8.31 -1.18 9.06
CA GLY B 290 -8.26 -2.54 8.60
C GLY B 290 -9.40 -3.00 7.70
N CYS B 291 -10.10 -2.07 7.01
CA CYS B 291 -11.21 -2.40 6.08
C CYS B 291 -10.75 -3.35 4.97
N VAL B 292 -9.55 -3.10 4.46
CA VAL B 292 -8.94 -3.80 3.35
C VAL B 292 -8.07 -4.97 3.79
N SER B 293 -7.41 -4.85 4.96
CA SER B 293 -6.61 -5.96 5.46
C SER B 293 -7.51 -7.12 5.95
N LYS B 294 -8.74 -6.82 6.43
CA LYS B 294 -9.66 -7.85 6.91
C LYS B 294 -10.66 -8.25 5.82
N GLY B 295 -11.31 -7.27 5.21
CA GLY B 295 -12.27 -7.50 4.14
C GLY B 295 -11.62 -8.02 2.86
N GLY B 296 -10.40 -7.57 2.60
CA GLY B 296 -9.62 -7.99 1.44
C GLY B 296 -9.10 -9.41 1.59
N MET B 297 -8.84 -9.83 2.83
CA MET B 297 -8.42 -11.20 3.13
C MET B 297 -9.61 -12.13 2.85
N GLY B 298 -10.82 -11.70 3.20
CA GLY B 298 -12.04 -12.44 2.90
C GLY B 298 -12.23 -12.52 1.41
N ALA B 299 -11.97 -11.42 0.69
CA ALA B 299 -12.08 -11.36 -0.76
C ALA B 299 -11.08 -12.27 -1.47
N VAL B 300 -9.79 -12.26 -1.08
CA VAL B 300 -8.80 -13.10 -1.75
C VAL B 300 -9.10 -14.59 -1.50
N ILE B 301 -9.60 -14.94 -0.31
CA ILE B 301 -9.96 -16.32 -0.01
C ILE B 301 -11.19 -16.74 -0.81
N GLY B 302 -12.21 -15.88 -0.83
CA GLY B 302 -13.44 -16.11 -1.57
C GLY B 302 -13.22 -16.21 -3.07
N LEU B 303 -12.34 -15.37 -3.62
CA LEU B 303 -12.00 -15.38 -5.05
C LEU B 303 -11.22 -16.66 -5.37
N CYS B 304 -10.29 -17.06 -4.47
CA CYS B 304 -9.51 -18.28 -4.63
C CYS B 304 -10.39 -19.53 -4.62
N TYR B 305 -11.50 -19.52 -3.86
CA TYR B 305 -12.43 -20.64 -3.84
C TYR B 305 -13.22 -20.67 -5.15
N TYR B 306 -13.63 -19.51 -5.68
CA TYR B 306 -14.35 -19.41 -6.94
C TYR B 306 -13.43 -19.94 -8.08
N LYS B 307 -12.16 -19.56 -8.05
CA LYS B 307 -11.17 -19.92 -9.06
C LYS B 307 -10.61 -21.36 -8.95
N ASN B 308 -10.35 -21.86 -7.73
CA ASN B 308 -9.68 -23.14 -7.53
C ASN B 308 -10.45 -24.20 -6.74
N GLY B 309 -11.61 -23.84 -6.23
CA GLY B 309 -12.43 -24.77 -5.46
C GLY B 309 -11.89 -25.01 -4.06
N LYS B 310 -12.17 -26.22 -3.52
CA LYS B 310 -11.75 -26.64 -2.18
C LYS B 310 -10.28 -27.10 -2.22
N ASN B 311 -9.36 -26.22 -2.64
CA ASN B 311 -7.94 -26.54 -2.73
C ASN B 311 -7.20 -25.78 -1.63
N ILE B 312 -6.80 -26.47 -0.55
CA ILE B 312 -6.14 -25.85 0.59
C ILE B 312 -4.73 -25.31 0.25
N LYS B 313 -4.02 -25.96 -0.69
CA LYS B 313 -2.69 -25.47 -1.08
C LYS B 313 -2.81 -24.11 -1.81
N LYS B 314 -3.87 -23.93 -2.61
CA LYS B 314 -4.10 -22.70 -3.32
C LYS B 314 -4.54 -21.61 -2.37
N LEU B 315 -5.46 -21.93 -1.45
CA LEU B 315 -5.96 -20.98 -0.46
C LEU B 315 -4.84 -20.45 0.42
N ASP B 316 -3.91 -21.33 0.86
CA ASP B 316 -2.74 -20.96 1.67
C ASP B 316 -1.81 -20.02 0.90
N SER B 317 -1.68 -20.24 -0.41
CA SER B 317 -0.82 -19.43 -1.27
C SER B 317 -1.43 -18.06 -1.56
N ALA B 318 -2.77 -17.97 -1.61
CA ALA B 318 -3.50 -16.73 -1.84
C ALA B 318 -3.41 -15.83 -0.62
N ALA B 319 -3.52 -16.40 0.59
CA ALA B 319 -3.41 -15.62 1.81
C ALA B 319 -1.98 -15.13 1.99
N ARG B 320 -0.99 -16.00 1.69
CA ARG B 320 0.40 -15.61 1.82
C ARG B 320 0.77 -14.45 0.90
N THR B 321 0.36 -14.52 -0.38
CA THR B 321 0.67 -13.46 -1.34
C THR B 321 -0.06 -12.15 -0.97
N PHE B 322 -1.29 -12.27 -0.47
CA PHE B 322 -2.08 -11.12 -0.04
C PHE B 322 -1.43 -10.44 1.15
N THR B 323 -0.93 -11.22 2.10
CA THR B 323 -0.26 -10.72 3.29
C THR B 323 1.04 -10.01 2.92
N ALA B 324 1.76 -10.51 1.90
CA ALA B 324 3.00 -9.88 1.44
C ALA B 324 2.72 -8.61 0.64
N ASN B 325 1.61 -8.56 -0.09
CA ASN B 325 1.23 -7.40 -0.90
C ASN B 325 0.13 -6.61 -0.19
N LEU B 326 0.21 -6.51 1.12
CA LEU B 326 -0.79 -5.83 1.92
C LEU B 326 -0.82 -4.34 1.67
N PRO B 327 -2.02 -3.80 1.39
CA PRO B 327 -2.14 -2.35 1.14
C PRO B 327 -1.95 -1.47 2.38
N GLY B 328 -1.86 -0.15 2.15
CA GLY B 328 -1.68 0.91 3.12
C GLY B 328 -1.92 0.65 4.59
N ILE B 329 -3.17 0.38 5.03
CA ILE B 329 -3.60 0.14 6.45
C ILE B 329 -4.05 1.46 7.11
N ILE B 330 -3.24 2.51 6.96
CA ILE B 330 -3.57 3.82 7.51
C ILE B 330 -4.17 4.64 6.39
N CYS B 331 -5.49 4.89 6.41
CA CYS B 331 -6.11 5.63 5.33
C CYS B 331 -6.25 7.13 5.62
N ASP B 332 -5.67 7.93 4.71
CA ASP B 332 -5.72 9.40 4.74
C ASP B 332 -6.43 9.88 3.43
N GLY B 333 -6.47 11.19 3.20
CA GLY B 333 -7.14 11.74 2.02
C GLY B 333 -8.55 12.18 2.33
N GLY B 334 -9.28 11.33 3.06
CA GLY B 334 -10.64 11.64 3.47
C GLY B 334 -11.56 10.46 3.27
N LYS B 335 -12.74 10.72 2.67
CA LYS B 335 -13.73 9.70 2.34
C LYS B 335 -13.35 9.04 1.01
N VAL B 336 -12.90 9.85 0.03
CA VAL B 336 -12.36 9.39 -1.26
C VAL B 336 -11.15 8.44 -1.02
N GLY B 337 -10.45 8.63 0.10
CA GLY B 337 -9.35 7.79 0.52
C GLY B 337 -9.81 6.37 0.77
N CYS B 338 -11.06 6.18 1.24
CA CYS B 338 -11.59 4.84 1.42
C CYS B 338 -11.80 4.16 0.07
N ALA B 339 -12.34 4.89 -0.93
CA ALA B 339 -12.53 4.33 -2.27
C ALA B 339 -11.20 3.96 -2.90
N LEU B 340 -10.15 4.76 -2.66
CA LEU B 340 -8.82 4.50 -3.17
C LEU B 340 -8.24 3.25 -2.50
N LYS B 341 -8.39 3.13 -1.17
CA LYS B 341 -7.89 1.96 -0.44
C LYS B 341 -8.61 0.70 -0.91
N LEU B 342 -9.91 0.79 -1.17
CA LEU B 342 -10.68 -0.36 -1.66
C LEU B 342 -10.30 -0.74 -3.09
N ALA B 343 -9.90 0.23 -3.91
CA ALA B 343 -9.41 -0.06 -5.27
C ALA B 343 -8.06 -0.79 -5.17
N SER B 344 -7.18 -0.37 -4.24
CA SER B 344 -5.90 -1.01 -3.97
C SER B 344 -6.11 -2.44 -3.43
N GLY B 345 -7.14 -2.61 -2.61
CA GLY B 345 -7.52 -3.90 -2.07
C GLY B 345 -7.96 -4.84 -3.16
N CYS B 346 -8.66 -4.32 -4.19
CA CYS B 346 -9.09 -5.09 -5.36
C CYS B 346 -7.87 -5.62 -6.08
N PHE B 347 -6.91 -4.75 -6.35
CA PHE B 347 -5.68 -5.09 -7.03
C PHE B 347 -4.89 -6.13 -6.26
N ALA B 348 -4.68 -5.93 -4.95
CA ALA B 348 -3.94 -6.89 -4.15
C ALA B 348 -4.65 -8.25 -4.08
N ALA B 349 -5.97 -8.27 -3.88
CA ALA B 349 -6.71 -9.52 -3.82
C ALA B 349 -6.71 -10.25 -5.15
N TYR B 350 -6.91 -9.53 -6.26
CA TYR B 350 -6.92 -10.14 -7.58
C TYR B 350 -5.53 -10.66 -7.96
N SER B 351 -4.49 -9.82 -7.88
CA SER B 351 -3.12 -10.20 -8.22
C SER B 351 -2.56 -11.34 -7.36
N SER B 352 -3.03 -11.49 -6.12
CA SER B 352 -2.56 -12.57 -5.24
C SER B 352 -2.89 -13.96 -5.76
N LEU B 353 -3.87 -14.08 -6.66
CA LEU B 353 -4.26 -15.37 -7.25
C LEU B 353 -3.33 -15.84 -8.37
N PHE B 354 -2.25 -15.08 -8.68
CA PHE B 354 -1.34 -15.43 -9.77
C PHE B 354 0.13 -15.50 -9.36
N VAL B 355 0.44 -15.27 -8.08
CA VAL B 355 1.81 -15.31 -7.60
C VAL B 355 1.86 -16.19 -6.35
N ASP B 356 2.85 -17.07 -6.28
CA ASP B 356 3.02 -17.94 -5.12
C ASP B 356 4.35 -17.60 -4.43
N ILE B 357 4.35 -17.46 -3.09
CA ILE B 357 5.58 -17.16 -2.37
C ILE B 357 6.39 -18.43 -2.06
N VAL B 364 4.87 -12.52 5.90
CA VAL B 364 3.99 -13.65 5.61
C VAL B 364 3.85 -14.60 6.81
N GLY B 365 2.78 -15.40 6.81
CA GLY B 365 2.55 -16.36 7.87
C GLY B 365 3.09 -17.74 7.60
N LYS B 366 2.73 -18.34 6.45
CA LYS B 366 3.01 -19.70 5.94
C LYS B 366 1.68 -20.37 5.58
N ASN B 367 0.67 -20.23 6.45
CA ASN B 367 -0.66 -20.74 6.17
C ASN B 367 -1.72 -19.67 6.51
N PHE B 368 -2.99 -19.90 6.13
CA PHE B 368 -4.09 -18.97 6.38
C PHE B 368 -4.15 -18.46 7.84
N LYS B 369 -4.12 -19.37 8.83
CA LYS B 369 -4.20 -18.99 10.24
C LYS B 369 -3.03 -18.12 10.68
N GLU B 370 -1.80 -18.49 10.31
CA GLU B 370 -0.62 -17.71 10.65
C GLU B 370 -0.65 -16.34 9.99
N CYS B 371 -1.21 -16.24 8.77
CA CYS B 371 -1.32 -14.98 8.03
C CYS B 371 -2.28 -14.01 8.71
N VAL B 372 -3.48 -14.47 9.09
CA VAL B 372 -4.48 -13.65 9.79
C VAL B 372 -3.90 -13.15 11.12
N GLU B 373 -3.16 -14.01 11.83
CA GLU B 373 -2.53 -13.66 13.09
C GLU B 373 -1.37 -12.67 12.91
N ASN B 374 -0.68 -12.74 11.77
CA ASN B 374 0.42 -11.83 11.48
C ASN B 374 -0.10 -10.45 11.14
N ILE B 375 -1.08 -10.33 10.21
CA ILE B 375 -1.65 -9.03 9.85
C ILE B 375 -2.26 -8.32 11.07
N SER B 376 -2.78 -9.11 12.03
CA SER B 376 -3.37 -8.63 13.27
C SER B 376 -2.29 -7.99 14.15
N GLU B 377 -1.09 -8.58 14.18
CA GLU B 377 -0.01 -8.06 14.98
C GLU B 377 0.57 -6.79 14.38
N ILE B 378 0.61 -6.68 13.03
CA ILE B 378 1.16 -5.46 12.40
C ILE B 378 0.16 -4.30 12.46
N SER B 379 -1.16 -4.58 12.45
CA SER B 379 -2.17 -3.52 12.56
C SER B 379 -2.12 -2.82 13.92
N LYS B 380 -1.69 -3.53 14.97
CA LYS B 380 -1.52 -3.02 16.31
C LYS B 380 -0.36 -2.01 16.32
N ILE B 381 0.74 -2.34 15.62
CA ILE B 381 1.93 -1.50 15.52
C ILE B 381 1.62 -0.21 14.76
N MET B 382 0.77 -0.29 13.73
CA MET B 382 0.37 0.90 12.96
C MET B 382 -0.53 1.83 13.80
N GLY B 383 -1.36 1.25 14.65
CA GLY B 383 -2.25 1.98 15.53
C GLY B 383 -1.52 2.72 16.64
N ASP B 384 -0.30 2.27 16.99
CA ASP B 384 0.50 2.88 18.04
C ASP B 384 1.38 4.04 17.54
N LEU B 385 1.07 4.61 16.37
CA LEU B 385 1.86 5.70 15.82
C LEU B 385 1.27 7.10 16.13
N ASP B 386 0.05 7.40 15.61
CA ASP B 386 -0.67 8.66 15.84
C ASP B 386 0.16 9.91 15.49
FE1 FES C . 11.31 -4.31 -1.60
FE2 FES C . 11.95 -1.69 -1.46
S1 FES C . 10.30 -2.61 -2.58
S2 FES C . 13.04 -3.40 -0.60
O1 MES D . 14.76 -7.81 -1.83
C2 MES D . 16.00 -8.18 -2.47
C3 MES D . 16.63 -6.99 -3.16
N4 MES D . 15.94 -5.71 -2.74
C5 MES D . 15.73 -5.66 -1.25
C6 MES D . 14.99 -6.89 -0.76
C7 MES D . 16.61 -4.45 -3.23
C8 MES D . 17.88 -4.55 -4.08
S MES D . 18.11 -3.04 -4.97
O1S MES D . 18.29 -1.99 -3.98
O2S MES D . 16.91 -2.86 -5.78
O3S MES D . 19.29 -3.23 -5.81
FE1 FES E . -10.79 4.17 4.95
FE2 FES E . -11.13 1.84 6.27
S1 FES E . -10.45 2.13 4.19
S2 FES E . -11.60 3.87 6.98
CL CL F . -18.14 3.06 6.59
#